data_7EBA
#
_entry.id   7EBA
#
_cell.length_a   133.701
_cell.length_b   80.437
_cell.length_c   88.731
_cell.angle_alpha   90.000
_cell.angle_beta   127.370
_cell.angle_gamma   90.000
#
_symmetry.space_group_name_H-M   'C 1 2 1'
#
loop_
_entity.id
_entity.type
_entity.pdbx_description
1 polymer 'Bifunctional epoxide hydrolase 2'
2 non-polymer (2S)-2-[2,4-bis(oxidanyl)phenyl]-5-methoxy-8-[(2R)-5-methyl-2-prop-1-en-2-yl-hex-4-enyl]-7-oxidanyl-2,3-dihydrochromen-4-one
3 water water
#
_entity_poly.entity_id   1
_entity_poly.type   'polypeptide(L)'
_entity_poly.pdbx_seq_one_letter_code
;HHHHHHTSCNPSDMSHGYVTVKPRVRLHFVELGSGPAVCLCHGFPESWYSWRYQIPALAQAGYRVLAMDMKGYGESSAPP
EIEEYCMEVLCKEMVTFLDKLGLSQAVFIGHDWGGMLVWYMALFYPERVRAVASLNTPFIPANPNMSPLESIKANPVFDY
QLYFQEPGVAEAELEQNLSRTFKSLFRASDESVLSMHKVCEAGGLFVNSPEEPSLSRMVTEEEIQFYVQQFKKSGFRGPL
NWYRNMERNWKWACKSLGRKILIPALMVTAEKDFVLVPQMSQHMEDWIPHLKRGHIEDCGHWTQMDKPTEVNQILIKWLD
SDARNPPVVSKM
;
_entity_poly.pdbx_strand_id   A,B
#
loop_
_chem_comp.id
_chem_comp.type
_chem_comp.name
_chem_comp.formula
J0U non-polymer (2S)-2-[2,4-bis(oxidanyl)phenyl]-5-methoxy-8-[(2R)-5-methyl-2-prop-1-en-2-yl-hex-4-enyl]-7-oxidanyl-2,3-dihydrochromen-4-one 'C26 H30 O6'
#
# COMPACT_ATOMS: atom_id res chain seq x y z
N SER A 8 -2.20 9.56 -17.49
CA SER A 8 -2.08 10.75 -16.57
C SER A 8 -1.14 10.44 -15.39
N CYS A 9 -0.16 9.55 -15.60
CA CYS A 9 0.92 9.13 -14.64
C CYS A 9 1.89 8.15 -15.34
N ASN A 10 2.98 7.77 -14.67
CA ASN A 10 3.84 6.62 -15.06
C ASN A 10 4.05 5.72 -13.82
N PRO A 11 4.16 4.39 -14.03
CA PRO A 11 4.23 3.41 -12.93
C PRO A 11 5.26 3.56 -11.79
N SER A 12 6.48 4.05 -12.07
CA SER A 12 7.59 4.15 -11.08
C SER A 12 7.31 5.27 -10.08
N ASP A 13 6.31 6.12 -10.38
CA ASP A 13 5.83 7.23 -9.52
C ASP A 13 4.62 6.82 -8.69
N MET A 14 4.22 5.55 -8.78
CA MET A 14 3.07 5.01 -8.00
C MET A 14 3.59 4.22 -6.77
N SER A 15 2.85 4.27 -5.66
CA SER A 15 2.96 3.27 -4.57
C SER A 15 2.38 1.94 -5.07
N HIS A 16 3.13 0.86 -4.92
CA HIS A 16 2.73 -0.52 -5.32
C HIS A 16 2.47 -1.35 -4.07
N GLY A 17 1.30 -1.99 -4.01
CA GLY A 17 0.88 -2.80 -2.87
C GLY A 17 0.65 -4.23 -3.27
N TYR A 18 1.01 -5.16 -2.38
CA TYR A 18 0.84 -6.62 -2.58
C TYR A 18 0.21 -7.22 -1.32
N VAL A 19 -0.90 -7.93 -1.53
CA VAL A 19 -1.64 -8.69 -0.48
C VAL A 19 -1.75 -10.15 -0.93
N THR A 20 -1.33 -11.08 -0.07
CA THR A 20 -1.55 -12.54 -0.25
C THR A 20 -2.97 -12.84 0.24
N VAL A 21 -3.85 -13.32 -0.64
CA VAL A 21 -5.27 -13.60 -0.28
C VAL A 21 -5.42 -15.10 -0.04
N LYS A 22 -4.49 -15.90 -0.55
CA LYS A 22 -4.36 -17.33 -0.17
C LYS A 22 -2.96 -17.81 -0.54
N PRO A 23 -2.53 -18.97 -0.01
CA PRO A 23 -1.13 -19.40 -0.11
C PRO A 23 -0.29 -18.83 -1.27
N ARG A 24 -0.63 -19.12 -2.52
CA ARG A 24 0.27 -18.74 -3.65
C ARG A 24 -0.48 -17.75 -4.54
N VAL A 25 -1.40 -17.00 -3.96
CA VAL A 25 -2.21 -16.00 -4.72
C VAL A 25 -2.07 -14.66 -4.04
N ARG A 26 -1.42 -13.72 -4.72
CA ARG A 26 -1.27 -12.33 -4.22
C ARG A 26 -1.83 -11.38 -5.28
N LEU A 27 -2.58 -10.40 -4.81
CA LEU A 27 -3.11 -9.30 -5.65
C LEU A 27 -2.20 -8.07 -5.51
N HIS A 28 -1.83 -7.50 -6.64
CA HIS A 28 -1.10 -6.22 -6.76
C HIS A 28 -2.11 -5.11 -7.01
N PHE A 29 -1.83 -3.94 -6.46
CA PHE A 29 -2.59 -2.72 -6.73
C PHE A 29 -1.66 -1.53 -6.66
N VAL A 30 -2.15 -0.46 -7.26
CA VAL A 30 -1.51 0.86 -7.19
C VAL A 30 -2.37 1.69 -6.25
N GLU A 31 -1.77 2.58 -5.45
CA GLU A 31 -2.51 3.27 -4.38
C GLU A 31 -2.17 4.76 -4.39
N LEU A 32 -3.16 5.62 -4.45
CA LEU A 32 -2.91 7.08 -4.49
C LEU A 32 -4.05 7.78 -3.72
N GLY A 33 -3.69 8.67 -2.82
CA GLY A 33 -4.64 9.57 -2.14
C GLY A 33 -4.99 9.14 -0.73
N SER A 34 -5.69 10.05 -0.03
CA SER A 34 -6.21 9.89 1.34
C SER A 34 -7.70 10.12 1.25
N GLY A 35 -8.46 9.57 2.20
CA GLY A 35 -9.91 9.64 2.25
C GLY A 35 -10.51 8.25 2.21
N PRO A 36 -11.83 8.14 1.99
CA PRO A 36 -12.51 6.85 1.86
C PRO A 36 -11.83 5.99 0.78
N ALA A 37 -11.74 4.68 1.03
CA ALA A 37 -11.08 3.72 0.13
C ALA A 37 -11.98 3.52 -1.09
N VAL A 38 -11.43 3.71 -2.29
CA VAL A 38 -12.16 3.45 -3.57
C VAL A 38 -11.37 2.42 -4.35
N CYS A 39 -11.98 1.26 -4.57
CA CYS A 39 -11.33 0.08 -5.17
C CYS A 39 -11.77 -0.01 -6.63
N LEU A 40 -10.84 0.18 -7.57
CA LEU A 40 -11.12 0.20 -9.03
C LEU A 40 -10.76 -1.17 -9.60
N CYS A 41 -11.70 -1.80 -10.29
CA CYS A 41 -11.55 -3.17 -10.82
C CYS A 41 -11.70 -3.13 -12.34
N HIS A 42 -10.62 -3.42 -13.07
CA HIS A 42 -10.60 -3.31 -14.55
C HIS A 42 -11.31 -4.50 -15.22
N GLY A 43 -11.47 -4.43 -16.55
CA GLY A 43 -12.13 -5.47 -17.34
C GLY A 43 -11.13 -6.32 -18.14
N PHE A 44 -11.64 -7.01 -19.14
CA PHE A 44 -10.89 -7.91 -20.05
C PHE A 44 -10.57 -7.18 -21.36
N PRO A 45 -9.33 -7.23 -21.88
CA PRO A 45 -8.14 -7.69 -21.17
C PRO A 45 -7.29 -6.48 -20.79
N GLU A 46 -7.34 -6.04 -19.54
CA GLU A 46 -6.89 -4.69 -19.17
C GLU A 46 -5.87 -4.80 -18.05
N SER A 47 -5.86 -3.81 -17.18
CA SER A 47 -4.79 -3.51 -16.22
C SER A 47 -5.31 -2.48 -15.22
N TRP A 48 -4.60 -2.29 -14.10
CA TRP A 48 -4.82 -1.13 -13.22
C TRP A 48 -4.67 0.12 -14.08
N TYR A 49 -3.81 0.01 -15.09
CA TYR A 49 -3.40 1.15 -15.95
C TYR A 49 -4.58 1.72 -16.74
N SER A 50 -5.60 0.91 -17.03
CA SER A 50 -6.87 1.37 -17.68
C SER A 50 -7.51 2.49 -16.86
N TRP A 51 -7.24 2.57 -15.55
CA TRP A 51 -7.76 3.68 -14.71
C TRP A 51 -6.81 4.89 -14.68
N ARG A 52 -5.83 4.98 -15.57
CA ARG A 52 -4.76 6.02 -15.46
C ARG A 52 -5.37 7.42 -15.37
N TYR A 53 -6.49 7.71 -16.02
CA TYR A 53 -7.10 9.07 -15.99
C TYR A 53 -7.92 9.26 -14.71
N GLN A 54 -8.50 8.17 -14.16
CA GLN A 54 -9.35 8.27 -12.95
C GLN A 54 -8.46 8.36 -11.70
N ILE A 55 -7.33 7.64 -11.64
CA ILE A 55 -6.58 7.50 -10.35
C ILE A 55 -6.26 8.91 -9.84
N PRO A 56 -5.60 9.81 -10.60
CA PRO A 56 -5.21 11.12 -10.06
C PRO A 56 -6.40 12.04 -9.78
N ALA A 57 -7.48 11.93 -10.55
CA ALA A 57 -8.69 12.76 -10.38
C ALA A 57 -9.40 12.39 -9.09
N LEU A 58 -9.61 11.10 -8.83
CA LEU A 58 -10.33 10.66 -7.61
C LEU A 58 -9.45 11.01 -6.40
N ALA A 59 -8.13 10.84 -6.47
CA ALA A 59 -7.24 11.15 -5.33
C ALA A 59 -7.36 12.63 -4.96
N GLN A 60 -7.29 13.49 -5.98
CA GLN A 60 -7.40 14.96 -5.92
C GLN A 60 -8.80 15.33 -5.38
N ALA A 61 -9.86 14.59 -5.73
CA ALA A 61 -11.22 14.85 -5.22
C ALA A 61 -11.38 14.35 -3.77
N GLY A 62 -10.32 13.90 -3.11
CA GLY A 62 -10.40 13.52 -1.69
C GLY A 62 -10.65 12.04 -1.44
N TYR A 63 -10.23 11.15 -2.35
CA TYR A 63 -10.41 9.68 -2.17
C TYR A 63 -9.06 8.96 -2.12
N ARG A 64 -9.04 7.85 -1.40
CA ARG A 64 -7.89 6.92 -1.40
C ARG A 64 -8.17 5.82 -2.44
N VAL A 65 -7.38 5.85 -3.51
CA VAL A 65 -7.63 4.96 -4.69
C VAL A 65 -6.74 3.73 -4.58
N LEU A 66 -7.37 2.57 -4.65
CA LEU A 66 -6.71 1.26 -4.84
C LEU A 66 -7.08 0.80 -6.26
N ALA A 67 -6.14 0.87 -7.21
CA ALA A 67 -6.36 0.36 -8.58
C ALA A 67 -5.76 -1.04 -8.64
N MET A 68 -6.63 -2.05 -8.74
CA MET A 68 -6.23 -3.47 -8.77
C MET A 68 -5.57 -3.80 -10.12
N ASP A 69 -4.59 -4.71 -10.09
CA ASP A 69 -4.42 -5.76 -11.12
C ASP A 69 -5.30 -6.93 -10.70
N MET A 70 -6.32 -7.24 -11.48
CA MET A 70 -7.28 -8.29 -11.09
C MET A 70 -6.56 -9.64 -11.22
N LYS A 71 -7.08 -10.68 -10.59
CA LYS A 71 -6.38 -11.98 -10.60
C LYS A 71 -6.22 -12.37 -12.07
N GLY A 72 -5.01 -12.79 -12.48
CA GLY A 72 -4.66 -13.17 -13.87
C GLY A 72 -3.90 -12.10 -14.64
N TYR A 73 -3.69 -10.92 -14.05
CA TYR A 73 -3.23 -9.71 -14.78
C TYR A 73 -2.02 -9.09 -14.06
N GLY A 74 -1.11 -8.56 -14.86
CA GLY A 74 0.00 -7.72 -14.42
C GLY A 74 0.82 -8.44 -13.39
N GLU A 75 0.87 -7.89 -12.19
CA GLU A 75 1.76 -8.35 -11.10
C GLU A 75 0.94 -9.22 -10.15
N SER A 76 -0.34 -9.42 -10.42
CA SER A 76 -1.20 -10.33 -9.60
C SER A 76 -0.92 -11.74 -10.06
N SER A 77 -1.02 -12.71 -9.18
CA SER A 77 -0.98 -14.16 -9.51
C SER A 77 -1.93 -14.46 -10.68
N ALA A 78 -1.53 -15.40 -11.54
CA ALA A 78 -2.32 -15.90 -12.69
C ALA A 78 -2.30 -17.42 -12.66
N PRO A 79 -2.93 -18.08 -11.67
CA PRO A 79 -3.01 -19.55 -11.68
C PRO A 79 -3.74 -20.05 -12.93
N PRO A 80 -3.37 -21.23 -13.48
CA PRO A 80 -3.94 -21.68 -14.76
C PRO A 80 -5.36 -22.29 -14.75
N GLU A 81 -5.88 -22.71 -13.59
CA GLU A 81 -7.16 -23.47 -13.52
C GLU A 81 -8.34 -22.52 -13.77
N ILE A 82 -9.28 -22.97 -14.60
CA ILE A 82 -10.49 -22.17 -14.97
C ILE A 82 -11.23 -21.76 -13.70
N GLU A 83 -11.40 -22.69 -12.76
CA GLU A 83 -12.23 -22.51 -11.53
C GLU A 83 -11.58 -21.46 -10.61
N GLU A 84 -10.31 -21.12 -10.82
CA GLU A 84 -9.66 -20.04 -10.03
C GLU A 84 -10.28 -18.68 -10.37
N TYR A 85 -11.14 -18.63 -11.40
CA TYR A 85 -11.63 -17.33 -11.96
C TYR A 85 -13.17 -17.26 -12.04
N CYS A 86 -13.89 -18.12 -11.32
CA CYS A 86 -15.35 -17.95 -11.13
C CYS A 86 -15.56 -16.80 -10.13
N MET A 87 -16.71 -16.16 -10.25
CA MET A 87 -17.04 -14.93 -9.47
C MET A 87 -16.88 -15.22 -7.98
N GLU A 88 -17.22 -16.42 -7.57
CA GLU A 88 -17.32 -16.80 -6.13
C GLU A 88 -15.91 -16.78 -5.51
N VAL A 89 -14.93 -17.40 -6.18
CA VAL A 89 -13.51 -17.43 -5.76
C VAL A 89 -12.94 -15.99 -5.80
N LEU A 90 -13.23 -15.23 -6.87
CA LEU A 90 -12.71 -13.85 -7.08
C LEU A 90 -13.28 -12.88 -6.03
N CYS A 91 -14.57 -12.99 -5.69
CA CYS A 91 -15.21 -12.15 -4.64
C CYS A 91 -14.66 -12.45 -3.23
N LYS A 92 -14.53 -13.72 -2.87
CA LYS A 92 -14.00 -14.14 -1.54
C LYS A 92 -12.57 -13.63 -1.37
N GLU A 93 -11.74 -13.74 -2.41
CA GLU A 93 -10.36 -13.17 -2.41
C GLU A 93 -10.39 -11.66 -2.20
N MET A 94 -11.26 -10.92 -2.87
CA MET A 94 -11.38 -9.44 -2.68
C MET A 94 -11.77 -9.13 -1.23
N VAL A 95 -12.59 -9.99 -0.62
CA VAL A 95 -13.00 -9.82 0.80
C VAL A 95 -11.76 -9.96 1.69
N THR A 96 -10.98 -10.99 1.46
CA THR A 96 -9.70 -11.25 2.15
C THR A 96 -8.74 -10.08 1.91
N PHE A 97 -8.77 -9.51 0.71
CA PHE A 97 -7.95 -8.33 0.36
C PHE A 97 -8.33 -7.18 1.30
N LEU A 98 -9.62 -6.87 1.44
CA LEU A 98 -10.07 -5.82 2.40
C LEU A 98 -9.64 -6.20 3.82
N ASP A 99 -9.70 -7.48 4.18
CA ASP A 99 -9.42 -7.91 5.58
C ASP A 99 -7.97 -7.65 5.89
N LYS A 100 -7.07 -8.00 4.97
CA LYS A 100 -5.62 -7.89 5.22
C LYS A 100 -5.16 -6.43 5.20
N LEU A 101 -5.90 -5.56 4.51
CA LEU A 101 -5.64 -4.10 4.46
C LEU A 101 -6.32 -3.41 5.66
N GLY A 102 -7.17 -4.13 6.38
CA GLY A 102 -7.91 -3.57 7.53
C GLY A 102 -8.93 -2.54 7.09
N LEU A 103 -9.60 -2.76 5.95
CA LEU A 103 -10.74 -1.92 5.51
C LEU A 103 -12.04 -2.69 5.82
N SER A 104 -12.91 -2.13 6.66
CA SER A 104 -14.22 -2.76 6.99
C SER A 104 -15.12 -2.62 5.76
N GLN A 105 -14.96 -1.53 5.01
CA GLN A 105 -15.66 -1.33 3.72
C GLN A 105 -14.74 -0.68 2.68
N ALA A 106 -15.12 -0.79 1.42
CA ALA A 106 -14.66 0.10 0.34
C ALA A 106 -15.82 0.40 -0.61
N VAL A 107 -15.71 1.52 -1.31
CA VAL A 107 -16.47 1.77 -2.56
C VAL A 107 -15.83 0.88 -3.62
N PHE A 108 -16.64 0.13 -4.38
CA PHE A 108 -16.18 -0.72 -5.51
C PHE A 108 -16.71 -0.15 -6.83
N ILE A 109 -15.78 0.11 -7.74
CA ILE A 109 -16.08 0.64 -9.10
C ILE A 109 -15.46 -0.32 -10.11
N GLY A 110 -16.27 -0.90 -10.97
CA GLY A 110 -15.81 -1.90 -11.94
C GLY A 110 -16.28 -1.56 -13.35
N HIS A 111 -15.55 -2.05 -14.34
CA HIS A 111 -15.84 -1.95 -15.78
C HIS A 111 -15.71 -3.34 -16.37
N ASP A 112 -16.69 -3.71 -17.19
CA ASP A 112 -16.61 -4.96 -17.97
C ASP A 112 -16.58 -6.09 -16.94
N TRP A 113 -15.64 -7.02 -16.98
CA TRP A 113 -15.65 -8.16 -16.01
C TRP A 113 -15.51 -7.62 -14.59
N GLY A 114 -14.78 -6.52 -14.40
CA GLY A 114 -14.67 -5.87 -13.10
C GLY A 114 -16.02 -5.33 -12.61
N GLY A 115 -16.84 -4.85 -13.54
CA GLY A 115 -18.22 -4.45 -13.27
C GLY A 115 -19.02 -5.63 -12.74
N MET A 116 -18.83 -6.80 -13.34
CA MET A 116 -19.54 -8.05 -12.96
C MET A 116 -19.13 -8.40 -11.52
N LEU A 117 -17.83 -8.36 -11.24
CA LEU A 117 -17.25 -8.63 -9.91
C LEU A 117 -17.92 -7.70 -8.89
N VAL A 118 -18.03 -6.39 -9.16
CA VAL A 118 -18.47 -5.42 -8.12
C VAL A 118 -19.96 -5.65 -7.88
N TRP A 119 -20.72 -6.02 -8.90
CA TRP A 119 -22.16 -6.31 -8.68
C TRP A 119 -22.30 -7.50 -7.73
N TYR A 120 -21.56 -8.58 -7.98
CA TYR A 120 -21.54 -9.78 -7.11
C TYR A 120 -21.06 -9.43 -5.70
N MET A 121 -20.03 -8.58 -5.58
CA MET A 121 -19.53 -8.11 -4.26
C MET A 121 -20.67 -7.46 -3.50
N ALA A 122 -21.43 -6.57 -4.16
CA ALA A 122 -22.52 -5.78 -3.55
C ALA A 122 -23.69 -6.71 -3.16
N LEU A 123 -23.91 -7.75 -3.95
CA LEU A 123 -25.00 -8.75 -3.79
C LEU A 123 -24.70 -9.60 -2.53
N PHE A 124 -23.55 -10.28 -2.53
CA PHE A 124 -23.13 -11.27 -1.51
C PHE A 124 -22.29 -10.67 -0.37
N TYR A 125 -21.68 -9.49 -0.52
CA TYR A 125 -20.81 -8.88 0.53
C TYR A 125 -21.17 -7.41 0.74
N PRO A 126 -22.49 -7.08 0.85
CA PRO A 126 -22.94 -5.69 1.04
C PRO A 126 -22.39 -5.03 2.30
N GLU A 127 -22.14 -5.80 3.36
CA GLU A 127 -21.52 -5.22 4.58
C GLU A 127 -20.12 -4.67 4.27
N ARG A 128 -19.39 -5.20 3.27
CA ARG A 128 -18.00 -4.79 2.93
C ARG A 128 -17.97 -3.74 1.82
N VAL A 129 -19.11 -3.43 1.20
CA VAL A 129 -19.17 -2.48 0.04
C VAL A 129 -19.97 -1.25 0.44
N ARG A 130 -19.28 -0.12 0.61
CA ARG A 130 -19.84 1.19 1.02
C ARG A 130 -20.86 1.64 -0.04
N ALA A 131 -20.54 1.36 -1.32
CA ALA A 131 -21.22 1.85 -2.53
C ALA A 131 -20.65 1.14 -3.75
N VAL A 132 -21.47 0.95 -4.78
CA VAL A 132 -21.08 0.16 -5.97
C VAL A 132 -21.41 0.97 -7.23
N ALA A 133 -20.45 1.05 -8.14
CA ALA A 133 -20.60 1.72 -9.43
C ALA A 133 -20.02 0.78 -10.50
N SER A 134 -20.78 0.59 -11.58
CA SER A 134 -20.39 -0.19 -12.76
C SER A 134 -20.31 0.72 -13.99
N LEU A 135 -19.24 0.58 -14.76
CA LEU A 135 -19.18 1.15 -16.12
C LEU A 135 -19.58 0.05 -17.10
N ASN A 136 -20.67 0.24 -17.84
CA ASN A 136 -21.04 -0.57 -19.03
C ASN A 136 -21.75 -1.86 -18.58
N THR A 137 -21.20 -2.56 -17.59
CA THR A 137 -21.72 -3.90 -17.21
C THR A 137 -23.00 -3.69 -16.40
N PRO A 138 -24.15 -4.24 -16.86
CA PRO A 138 -25.41 -4.14 -16.10
C PRO A 138 -25.47 -5.22 -14.99
N PHE A 139 -26.37 -5.03 -14.04
CA PHE A 139 -26.78 -6.09 -13.09
C PHE A 139 -28.14 -6.63 -13.54
N ILE A 140 -28.23 -7.95 -13.71
CA ILE A 140 -29.48 -8.65 -14.09
C ILE A 140 -29.60 -9.89 -13.20
N PRO A 141 -30.65 -10.04 -12.37
CA PRO A 141 -30.79 -11.20 -11.50
C PRO A 141 -30.88 -12.51 -12.31
N ALA A 142 -30.43 -13.63 -11.74
CA ALA A 142 -30.33 -14.94 -12.44
C ALA A 142 -31.72 -15.44 -12.90
N ASN A 143 -31.84 -15.76 -14.20
CA ASN A 143 -33.09 -16.22 -14.88
C ASN A 143 -33.15 -17.74 -14.77
N PRO A 144 -33.84 -18.31 -13.76
CA PRO A 144 -33.60 -19.71 -13.38
C PRO A 144 -33.94 -20.82 -14.40
N ASN A 145 -34.54 -20.54 -15.56
CA ASN A 145 -34.68 -21.56 -16.65
C ASN A 145 -34.36 -20.99 -18.04
N MET A 146 -33.64 -19.86 -18.12
CA MET A 146 -32.86 -19.47 -19.34
C MET A 146 -31.49 -20.14 -19.26
N SER A 147 -31.28 -21.22 -20.04
CA SER A 147 -29.97 -21.90 -20.16
C SER A 147 -28.90 -20.84 -20.36
N PRO A 148 -27.89 -20.76 -19.48
CA PRO A 148 -26.84 -19.76 -19.62
C PRO A 148 -26.32 -19.67 -21.07
N LEU A 149 -26.01 -20.83 -21.67
CA LEU A 149 -25.43 -20.96 -23.05
C LEU A 149 -26.43 -20.44 -24.09
N GLU A 150 -27.72 -20.46 -23.76
CA GLU A 150 -28.83 -20.03 -24.65
C GLU A 150 -28.86 -18.50 -24.77
N SER A 151 -28.68 -17.79 -23.66
CA SER A 151 -28.49 -16.32 -23.62
C SER A 151 -27.39 -15.92 -24.61
N ILE A 152 -26.23 -16.59 -24.57
CA ILE A 152 -25.01 -16.24 -25.38
C ILE A 152 -25.29 -16.43 -26.86
N LYS A 153 -25.77 -17.61 -27.28
CA LYS A 153 -26.01 -17.88 -28.72
C LYS A 153 -27.37 -17.30 -29.12
N ALA A 154 -28.07 -16.61 -28.22
CA ALA A 154 -29.29 -15.82 -28.54
C ALA A 154 -28.90 -14.35 -28.78
N ASN A 155 -27.62 -13.99 -28.62
CA ASN A 155 -27.12 -12.63 -28.99
C ASN A 155 -25.90 -12.78 -29.91
N PRO A 156 -26.04 -12.43 -31.21
CA PRO A 156 -24.94 -12.63 -32.17
C PRO A 156 -23.63 -11.91 -31.78
N VAL A 157 -23.71 -10.73 -31.14
CA VAL A 157 -22.51 -9.91 -30.81
C VAL A 157 -21.74 -10.57 -29.64
N PHE A 158 -22.28 -11.61 -28.97
CA PHE A 158 -21.55 -12.40 -27.94
C PHE A 158 -20.88 -13.63 -28.56
N ASP A 159 -20.77 -13.69 -29.90
CA ASP A 159 -20.17 -14.84 -30.62
C ASP A 159 -18.72 -15.06 -30.19
N TYR A 160 -17.93 -13.98 -30.07
CA TYR A 160 -16.53 -13.98 -29.58
C TYR A 160 -16.45 -14.77 -28.27
N GLN A 161 -17.46 -14.76 -27.41
CA GLN A 161 -17.40 -15.46 -26.11
C GLN A 161 -17.33 -16.96 -26.35
N LEU A 162 -18.03 -17.43 -27.37
CA LEU A 162 -17.94 -18.87 -27.74
C LEU A 162 -16.50 -19.21 -28.16
N TYR A 163 -15.90 -18.43 -29.03
CA TYR A 163 -14.49 -18.58 -29.45
C TYR A 163 -13.53 -18.63 -28.23
N PHE A 164 -13.89 -17.98 -27.12
CA PHE A 164 -13.05 -17.87 -25.89
C PHE A 164 -13.17 -19.12 -25.03
N GLN A 165 -14.12 -20.03 -25.29
CA GLN A 165 -14.38 -21.16 -24.37
C GLN A 165 -13.24 -22.20 -24.41
N GLU A 166 -12.76 -22.59 -25.59
CA GLU A 166 -11.80 -23.71 -25.76
C GLU A 166 -10.42 -23.29 -25.25
N PRO A 167 -9.96 -23.88 -24.12
CA PRO A 167 -8.66 -23.51 -23.55
C PRO A 167 -7.55 -23.69 -24.60
N GLY A 168 -6.81 -22.62 -24.86
CA GLY A 168 -5.64 -22.64 -25.74
C GLY A 168 -5.86 -21.84 -27.00
N VAL A 169 -7.08 -21.79 -27.52
CA VAL A 169 -7.30 -21.27 -28.90
C VAL A 169 -7.12 -19.75 -28.88
N ALA A 170 -7.95 -19.03 -28.13
CA ALA A 170 -7.91 -17.55 -28.08
C ALA A 170 -6.55 -17.08 -27.52
N GLU A 171 -5.89 -17.90 -26.70
CA GLU A 171 -4.57 -17.59 -26.10
C GLU A 171 -3.53 -17.48 -27.20
N ALA A 172 -3.47 -18.51 -28.06
CA ALA A 172 -2.55 -18.59 -29.20
C ALA A 172 -2.73 -17.35 -30.08
N GLU A 173 -3.97 -16.97 -30.38
CA GLU A 173 -4.24 -15.86 -31.31
C GLU A 173 -3.92 -14.50 -30.65
N LEU A 174 -4.28 -14.35 -29.36
CA LEU A 174 -4.13 -13.06 -28.64
C LEU A 174 -2.66 -12.80 -28.31
N GLU A 175 -1.90 -13.84 -27.94
CA GLU A 175 -0.46 -13.76 -27.54
C GLU A 175 0.48 -13.67 -28.76
N GLN A 176 0.02 -14.06 -29.96
CA GLN A 176 0.83 -14.12 -31.21
C GLN A 176 1.59 -12.82 -31.41
N ASN A 177 0.90 -11.68 -31.37
CA ASN A 177 1.50 -10.33 -31.60
C ASN A 177 0.77 -9.34 -30.68
N LEU A 178 1.34 -9.12 -29.50
CA LEU A 178 0.67 -8.42 -28.37
C LEU A 178 0.34 -7.00 -28.79
N SER A 179 1.29 -6.37 -29.46
CA SER A 179 1.15 -4.98 -29.93
C SER A 179 -0.01 -4.92 -30.94
N ARG A 180 -0.18 -5.96 -31.73
CA ARG A 180 -1.32 -6.05 -32.69
C ARG A 180 -2.63 -6.29 -31.92
N THR A 181 -2.63 -7.21 -30.95
CA THR A 181 -3.81 -7.48 -30.10
C THR A 181 -4.34 -6.15 -29.53
N PHE A 182 -3.50 -5.38 -28.88
CA PHE A 182 -3.92 -4.19 -28.08
C PHE A 182 -4.28 -3.05 -29.04
N LYS A 183 -3.52 -2.87 -30.11
CA LYS A 183 -3.86 -1.83 -31.11
C LYS A 183 -5.21 -2.16 -31.77
N SER A 184 -5.52 -3.44 -31.95
CA SER A 184 -6.77 -3.94 -32.59
C SER A 184 -7.98 -3.80 -31.64
N LEU A 185 -7.80 -4.07 -30.34
CA LEU A 185 -8.89 -4.01 -29.33
C LEU A 185 -9.15 -2.56 -28.92
N PHE A 186 -8.11 -1.81 -28.57
CA PHE A 186 -8.25 -0.49 -27.91
C PHE A 186 -8.50 0.59 -28.95
N ARG A 187 -9.71 0.62 -29.50
CA ARG A 187 -10.13 1.65 -30.51
C ARG A 187 -11.47 2.29 -30.14
N ALA A 188 -11.68 3.55 -30.54
CA ALA A 188 -13.03 4.19 -30.53
C ALA A 188 -13.93 3.32 -31.38
N SER A 189 -15.23 3.33 -31.18
CA SER A 189 -16.18 2.39 -31.85
C SER A 189 -16.27 2.73 -33.36
N ASP A 190 -16.08 3.99 -33.74
CA ASP A 190 -16.04 4.41 -35.18
C ASP A 190 -14.71 4.01 -35.84
N GLU A 191 -13.72 3.58 -35.07
CA GLU A 191 -12.38 3.16 -35.58
C GLU A 191 -12.29 1.64 -35.63
N SER A 192 -13.38 0.94 -35.36
CA SER A 192 -13.31 -0.52 -35.14
C SER A 192 -12.86 -1.22 -36.41
N VAL A 193 -11.99 -2.22 -36.27
CA VAL A 193 -11.44 -3.12 -37.34
C VAL A 193 -11.88 -4.55 -37.01
N LEU A 194 -12.81 -4.73 -36.07
CA LEU A 194 -13.24 -6.07 -35.56
C LEU A 194 -14.72 -6.28 -35.84
N SER A 195 -15.14 -7.53 -35.90
CA SER A 195 -16.55 -7.97 -36.01
C SER A 195 -16.77 -9.14 -35.06
N MET A 196 -17.26 -8.85 -33.85
CA MET A 196 -17.63 -9.87 -32.83
C MET A 196 -18.81 -10.73 -33.31
N HIS A 197 -19.53 -10.25 -34.34
CA HIS A 197 -20.55 -10.98 -35.15
C HIS A 197 -20.09 -12.40 -35.51
N LYS A 198 -19.16 -12.53 -36.46
CA LYS A 198 -18.77 -13.82 -37.08
C LYS A 198 -17.32 -14.12 -36.70
N VAL A 199 -17.03 -14.30 -35.40
CA VAL A 199 -15.66 -14.66 -34.94
C VAL A 199 -15.47 -16.16 -35.15
N CYS A 200 -16.36 -16.97 -34.58
CA CYS A 200 -16.09 -18.42 -34.37
C CYS A 200 -16.01 -19.10 -35.74
N GLU A 201 -16.85 -18.73 -36.71
CA GLU A 201 -16.87 -19.44 -38.01
C GLU A 201 -15.88 -18.77 -38.99
N ALA A 202 -15.72 -17.45 -38.93
CA ALA A 202 -14.74 -16.75 -39.79
C ALA A 202 -13.40 -16.75 -39.08
N GLY A 203 -12.70 -17.88 -39.10
CA GLY A 203 -11.39 -18.09 -38.44
C GLY A 203 -11.51 -17.90 -36.94
N GLY A 204 -10.64 -17.08 -36.34
CA GLY A 204 -10.84 -16.41 -35.04
C GLY A 204 -11.02 -14.89 -35.16
N LEU A 205 -10.32 -14.11 -34.32
CA LEU A 205 -10.64 -12.70 -33.95
C LEU A 205 -10.01 -11.69 -34.94
N PHE A 206 -8.80 -11.96 -35.41
CA PHE A 206 -7.97 -10.99 -36.17
C PHE A 206 -7.73 -11.45 -37.61
N VAL A 207 -8.42 -12.49 -38.07
CA VAL A 207 -8.17 -13.16 -39.38
C VAL A 207 -8.45 -12.18 -40.54
N ASN A 208 -9.47 -11.32 -40.44
CA ASN A 208 -9.89 -10.39 -41.51
C ASN A 208 -9.59 -8.95 -41.11
N SER A 209 -8.64 -8.72 -40.21
CA SER A 209 -8.31 -7.36 -39.68
C SER A 209 -6.84 -7.07 -39.94
N PRO A 210 -6.43 -5.78 -40.04
CA PRO A 210 -5.06 -5.45 -40.44
C PRO A 210 -3.97 -6.22 -39.69
N GLU A 211 -2.90 -6.63 -40.40
CA GLU A 211 -1.65 -7.20 -39.79
C GLU A 211 -0.93 -6.09 -39.00
N GLU A 212 -0.97 -4.86 -39.50
CA GLU A 212 -0.30 -3.67 -38.92
C GLU A 212 -1.35 -2.61 -38.62
N PRO A 213 -2.17 -2.75 -37.55
CA PRO A 213 -3.27 -1.83 -37.30
C PRO A 213 -2.67 -0.46 -36.96
N SER A 214 -3.36 0.62 -37.34
CA SER A 214 -3.01 1.99 -36.94
C SER A 214 -3.27 2.20 -35.44
N LEU A 215 -2.82 3.34 -34.91
CA LEU A 215 -2.98 3.76 -33.50
C LEU A 215 -4.33 4.45 -33.40
N SER A 216 -5.23 3.94 -32.55
CA SER A 216 -6.49 4.64 -32.22
C SER A 216 -6.18 6.07 -31.74
N ARG A 217 -7.05 7.03 -32.04
CA ARG A 217 -7.01 8.40 -31.42
C ARG A 217 -7.02 8.33 -29.88
N MET A 218 -7.53 7.26 -29.24
CA MET A 218 -7.62 7.10 -27.75
C MET A 218 -6.24 6.86 -27.11
N VAL A 219 -5.30 6.24 -27.81
CA VAL A 219 -4.05 5.67 -27.21
C VAL A 219 -2.81 6.19 -27.95
N THR A 220 -1.74 6.39 -27.20
CA THR A 220 -0.35 6.54 -27.71
C THR A 220 0.28 5.16 -27.81
N GLU A 221 1.45 5.13 -28.46
CA GLU A 221 2.35 3.97 -28.62
C GLU A 221 2.87 3.56 -27.23
N GLU A 222 3.19 4.55 -26.38
CA GLU A 222 3.72 4.30 -25.02
C GLU A 222 2.63 3.53 -24.26
N GLU A 223 1.40 4.01 -24.33
CA GLU A 223 0.27 3.37 -23.63
C GLU A 223 0.16 1.93 -24.12
N ILE A 224 0.22 1.71 -25.43
CA ILE A 224 0.11 0.31 -25.97
C ILE A 224 1.28 -0.53 -25.47
N GLN A 225 2.50 0.03 -25.43
CA GLN A 225 3.72 -0.73 -25.01
C GLN A 225 3.60 -1.11 -23.54
N PHE A 226 2.90 -0.31 -22.73
CA PHE A 226 2.67 -0.65 -21.30
C PHE A 226 1.84 -1.95 -21.19
N TYR A 227 0.71 -2.03 -21.90
CA TYR A 227 -0.15 -3.26 -21.92
C TYR A 227 0.65 -4.47 -22.46
N VAL A 228 1.47 -4.30 -23.51
CA VAL A 228 2.35 -5.36 -24.11
C VAL A 228 3.26 -5.90 -23.00
N GLN A 229 3.99 -5.00 -22.31
CA GLN A 229 4.96 -5.41 -21.27
C GLN A 229 4.24 -6.20 -20.16
N GLN A 230 3.08 -5.73 -19.69
CA GLN A 230 2.28 -6.41 -18.62
C GLN A 230 1.94 -7.84 -19.05
N PHE A 231 1.51 -8.04 -20.30
CA PHE A 231 0.87 -9.33 -20.72
C PHE A 231 1.93 -10.39 -21.05
N LYS A 232 3.21 -10.01 -21.12
CA LYS A 232 4.35 -10.97 -21.23
C LYS A 232 4.53 -11.76 -19.93
N LYS A 233 4.07 -11.27 -18.78
CA LYS A 233 4.30 -11.97 -17.49
C LYS A 233 3.52 -13.30 -17.49
N SER A 234 2.21 -13.28 -17.77
CA SER A 234 1.33 -14.46 -17.65
C SER A 234 0.54 -14.71 -18.95
N GLY A 235 0.55 -13.80 -19.90
CA GLY A 235 -0.31 -13.86 -21.10
C GLY A 235 -1.80 -13.88 -20.81
N PHE A 236 -2.54 -14.64 -21.63
CA PHE A 236 -3.99 -14.50 -21.80
C PHE A 236 -4.75 -15.66 -21.14
N ARG A 237 -4.12 -16.66 -20.58
CA ARG A 237 -4.87 -17.81 -19.99
C ARG A 237 -5.75 -17.34 -18.82
N GLY A 238 -5.15 -16.78 -17.78
CA GLY A 238 -5.90 -16.23 -16.63
C GLY A 238 -7.01 -15.30 -17.08
N PRO A 239 -6.71 -14.26 -17.90
CA PRO A 239 -7.72 -13.31 -18.36
C PRO A 239 -8.88 -14.03 -19.06
N LEU A 240 -8.57 -14.95 -19.97
CA LEU A 240 -9.62 -15.67 -20.76
C LEU A 240 -10.44 -16.56 -19.82
N ASN A 241 -9.89 -16.98 -18.68
CA ASN A 241 -10.59 -17.90 -17.74
C ASN A 241 -11.76 -17.20 -17.07
N TRP A 242 -11.78 -15.86 -17.02
CA TRP A 242 -12.95 -15.05 -16.52
C TRP A 242 -14.21 -15.39 -17.35
N TYR A 243 -14.00 -15.72 -18.62
CA TYR A 243 -15.06 -16.00 -19.63
C TYR A 243 -15.45 -17.49 -19.60
N ARG A 244 -14.85 -18.31 -18.74
CA ARG A 244 -14.97 -19.79 -18.80
C ARG A 244 -15.66 -20.34 -17.55
N ASN A 245 -16.45 -19.52 -16.85
CA ASN A 245 -17.14 -19.97 -15.61
C ASN A 245 -18.63 -19.68 -15.65
N MET A 246 -19.23 -19.66 -16.83
CA MET A 246 -20.62 -19.19 -17.02
C MET A 246 -21.58 -20.00 -16.13
N GLU A 247 -21.50 -21.33 -16.15
CA GLU A 247 -22.48 -22.16 -15.40
C GLU A 247 -22.27 -21.97 -13.89
N ARG A 248 -21.03 -22.05 -13.41
CA ARG A 248 -20.68 -21.83 -11.98
C ARG A 248 -21.16 -20.43 -11.55
N ASN A 249 -21.02 -19.45 -12.44
CA ASN A 249 -21.37 -18.05 -12.14
C ASN A 249 -22.88 -17.94 -11.93
N TRP A 250 -23.64 -18.52 -12.87
CA TRP A 250 -25.12 -18.59 -12.87
C TRP A 250 -25.58 -19.27 -11.59
N LYS A 251 -25.00 -20.43 -11.25
CA LYS A 251 -25.41 -21.23 -10.06
C LYS A 251 -25.18 -20.44 -8.78
N TRP A 252 -24.03 -19.78 -8.66
CA TRP A 252 -23.76 -18.91 -7.50
C TRP A 252 -24.79 -17.77 -7.51
N ALA A 253 -25.02 -17.09 -8.64
CA ALA A 253 -25.97 -15.94 -8.67
C ALA A 253 -27.35 -16.42 -8.21
N CYS A 254 -27.80 -17.60 -8.68
CA CYS A 254 -29.13 -18.21 -8.34
C CYS A 254 -29.30 -18.23 -6.81
N LYS A 255 -28.28 -18.67 -6.07
CA LYS A 255 -28.30 -18.78 -4.59
C LYS A 255 -28.60 -17.45 -3.90
N SER A 256 -28.71 -16.34 -4.63
CA SER A 256 -28.97 -15.02 -4.03
C SER A 256 -30.47 -14.72 -4.07
N LEU A 257 -31.23 -15.47 -4.88
CA LEU A 257 -32.72 -15.52 -4.92
C LEU A 257 -33.35 -14.12 -4.73
N GLY A 258 -34.18 -13.93 -3.71
CA GLY A 258 -34.92 -12.66 -3.54
C GLY A 258 -33.99 -11.46 -3.48
N ARG A 259 -32.83 -11.60 -2.82
CA ARG A 259 -32.21 -10.47 -2.07
C ARG A 259 -31.93 -9.31 -3.02
N LYS A 260 -32.15 -8.10 -2.53
CA LYS A 260 -31.93 -6.85 -3.27
C LYS A 260 -30.59 -6.23 -2.88
N ILE A 261 -30.03 -5.38 -3.74
CA ILE A 261 -28.87 -4.50 -3.45
C ILE A 261 -29.45 -3.28 -2.75
N LEU A 262 -29.22 -3.13 -1.45
CA LEU A 262 -29.83 -2.02 -0.69
C LEU A 262 -28.85 -0.86 -0.52
N ILE A 263 -27.56 -1.09 -0.80
CA ILE A 263 -26.47 -0.08 -0.74
C ILE A 263 -26.60 0.87 -1.92
N PRO A 264 -26.01 2.09 -1.85
CA PRO A 264 -26.03 3.03 -2.97
C PRO A 264 -25.28 2.46 -4.19
N ALA A 265 -25.77 2.78 -5.38
CA ALA A 265 -25.38 2.13 -6.64
C ALA A 265 -25.45 3.15 -7.79
N LEU A 266 -24.48 3.09 -8.70
CA LEU A 266 -24.38 3.92 -9.92
C LEU A 266 -24.20 2.98 -11.10
N MET A 267 -24.97 3.19 -12.17
CA MET A 267 -24.82 2.45 -13.43
C MET A 267 -24.47 3.48 -14.52
N VAL A 268 -23.34 3.29 -15.17
CA VAL A 268 -22.89 4.22 -16.24
C VAL A 268 -22.93 3.46 -17.56
N THR A 269 -23.74 3.96 -18.48
CA THR A 269 -23.89 3.36 -19.83
C THR A 269 -23.02 4.13 -20.79
N ALA A 270 -22.69 3.49 -21.89
CA ALA A 270 -21.85 3.98 -23.01
C ALA A 270 -22.61 3.75 -24.32
N GLU A 271 -22.98 4.84 -25.00
CA GLU A 271 -23.86 4.84 -26.20
C GLU A 271 -23.30 3.88 -27.27
N LYS A 272 -21.98 3.83 -27.45
CA LYS A 272 -21.34 3.10 -28.58
C LYS A 272 -20.67 1.79 -28.13
N ASP A 273 -20.91 1.31 -26.90
CA ASP A 273 -20.60 -0.09 -26.54
C ASP A 273 -21.63 -0.99 -27.23
N PHE A 274 -21.24 -1.70 -28.29
CA PHE A 274 -22.14 -2.57 -29.11
C PHE A 274 -22.22 -3.96 -28.47
N VAL A 275 -21.40 -4.24 -27.47
CA VAL A 275 -21.52 -5.57 -26.80
C VAL A 275 -22.31 -5.37 -25.52
N LEU A 276 -21.93 -4.39 -24.71
CA LEU A 276 -22.60 -4.08 -23.42
C LEU A 276 -23.45 -2.84 -23.65
N VAL A 277 -24.58 -3.07 -24.29
CA VAL A 277 -25.45 -2.02 -24.87
C VAL A 277 -26.19 -1.38 -23.70
N PRO A 278 -26.36 -0.05 -23.67
CA PRO A 278 -27.11 0.63 -22.61
C PRO A 278 -28.45 -0.01 -22.24
N GLN A 279 -29.19 -0.48 -23.26
CA GLN A 279 -30.55 -1.08 -23.12
C GLN A 279 -30.48 -2.29 -22.16
N MET A 280 -29.32 -2.90 -21.95
CA MET A 280 -29.21 -4.12 -21.11
C MET A 280 -29.35 -3.77 -19.64
N SER A 281 -29.32 -2.48 -19.30
CA SER A 281 -29.50 -2.00 -17.89
C SER A 281 -30.95 -1.60 -17.62
N GLN A 282 -31.81 -1.58 -18.64
CA GLN A 282 -33.01 -0.69 -18.66
C GLN A 282 -33.94 -0.93 -17.46
N HIS A 283 -33.99 -2.14 -16.89
CA HIS A 283 -34.92 -2.46 -15.77
C HIS A 283 -34.17 -2.71 -14.45
N MET A 284 -33.01 -2.09 -14.27
CA MET A 284 -32.22 -2.30 -13.04
C MET A 284 -32.88 -1.62 -11.82
N GLU A 285 -33.75 -0.61 -12.02
CA GLU A 285 -34.50 0.05 -10.92
C GLU A 285 -35.39 -0.98 -10.20
N ASP A 286 -36.03 -1.92 -10.94
CA ASP A 286 -36.88 -2.99 -10.34
C ASP A 286 -36.12 -3.70 -9.21
N TRP A 287 -34.78 -3.82 -9.29
CA TRP A 287 -33.94 -4.62 -8.35
C TRP A 287 -33.06 -3.72 -7.47
N ILE A 288 -33.00 -2.42 -7.81
CA ILE A 288 -32.18 -1.33 -7.17
C ILE A 288 -32.88 0.00 -7.49
N PRO A 289 -33.97 0.41 -6.80
CA PRO A 289 -34.78 1.56 -7.22
C PRO A 289 -34.12 2.93 -7.00
N HIS A 290 -33.31 3.04 -5.94
CA HIS A 290 -32.40 4.18 -5.59
C HIS A 290 -31.27 4.35 -6.62
N LEU A 291 -30.85 3.26 -7.29
CA LEU A 291 -29.77 3.27 -8.31
C LEU A 291 -29.70 4.65 -8.94
N LYS A 292 -28.53 5.27 -8.89
CA LYS A 292 -28.25 6.48 -9.70
C LYS A 292 -27.71 6.02 -11.04
N ARG A 293 -27.75 6.90 -12.04
CA ARG A 293 -27.38 6.55 -13.43
C ARG A 293 -26.48 7.64 -13.99
N GLY A 294 -25.54 7.24 -14.84
CA GLY A 294 -24.82 8.11 -15.77
C GLY A 294 -24.93 7.50 -17.16
N HIS A 295 -24.72 8.34 -18.17
CA HIS A 295 -24.77 7.92 -19.59
C HIS A 295 -23.75 8.78 -20.33
N ILE A 296 -22.89 8.16 -21.15
CA ILE A 296 -21.83 8.93 -21.86
C ILE A 296 -22.07 8.73 -23.35
N GLU A 297 -22.26 9.86 -24.03
CA GLU A 297 -22.43 9.93 -25.49
C GLU A 297 -21.06 9.72 -26.15
N ASP A 298 -21.09 9.10 -27.31
CA ASP A 298 -19.94 9.01 -28.24
C ASP A 298 -18.83 8.21 -27.54
N CYS A 299 -19.22 7.27 -26.69
CA CYS A 299 -18.32 6.48 -25.82
C CYS A 299 -18.49 4.99 -26.13
N GLY A 300 -17.42 4.32 -26.58
CA GLY A 300 -17.43 2.88 -26.89
C GLY A 300 -17.19 2.05 -25.65
N HIS A 301 -16.60 0.87 -25.84
CA HIS A 301 -16.43 -0.13 -24.76
C HIS A 301 -15.34 0.31 -23.79
N TRP A 302 -14.31 1.01 -24.25
CA TRP A 302 -13.07 1.33 -23.46
C TRP A 302 -13.32 2.65 -22.74
N THR A 303 -14.34 2.65 -21.89
CA THR A 303 -15.00 3.88 -21.41
C THR A 303 -13.97 4.84 -20.77
N GLN A 304 -13.07 4.35 -19.90
CA GLN A 304 -12.19 5.22 -19.06
C GLN A 304 -11.18 5.95 -19.95
N MET A 305 -10.84 5.31 -21.07
CA MET A 305 -9.80 5.65 -22.07
C MET A 305 -10.43 6.53 -23.16
N ASP A 306 -11.71 6.31 -23.47
CA ASP A 306 -12.49 6.97 -24.55
C ASP A 306 -12.99 8.33 -24.02
N LYS A 307 -13.61 8.36 -22.83
CA LYS A 307 -14.21 9.58 -22.23
C LYS A 307 -13.77 9.77 -20.78
N PRO A 308 -12.45 9.92 -20.54
CA PRO A 308 -11.92 10.14 -19.18
C PRO A 308 -12.54 11.33 -18.46
N THR A 309 -12.70 12.46 -19.15
CA THR A 309 -13.27 13.69 -18.55
C THR A 309 -14.66 13.39 -18.03
N GLU A 310 -15.48 12.74 -18.85
CA GLU A 310 -16.91 12.44 -18.56
C GLU A 310 -16.95 11.43 -17.42
N VAL A 311 -16.17 10.35 -17.49
CA VAL A 311 -16.10 9.33 -16.39
C VAL A 311 -15.76 10.05 -15.07
N ASN A 312 -14.74 10.90 -15.08
CA ASN A 312 -14.19 11.56 -13.87
C ASN A 312 -15.31 12.39 -13.20
N GLN A 313 -16.02 13.21 -13.99
CA GLN A 313 -17.08 14.13 -13.51
C GLN A 313 -18.22 13.28 -12.92
N ILE A 314 -18.61 12.17 -13.58
CA ILE A 314 -19.76 11.33 -13.12
C ILE A 314 -19.40 10.59 -11.82
N LEU A 315 -18.20 10.00 -11.74
CA LEU A 315 -17.78 9.24 -10.54
C LEU A 315 -17.62 10.22 -9.37
N ILE A 316 -16.98 11.36 -9.56
CA ILE A 316 -16.68 12.31 -8.44
C ILE A 316 -18.02 12.84 -7.88
N LYS A 317 -18.89 13.38 -8.75
CA LYS A 317 -20.23 13.88 -8.39
C LYS A 317 -20.91 12.81 -7.54
N TRP A 318 -20.97 11.59 -8.05
CA TRP A 318 -21.69 10.47 -7.38
C TRP A 318 -21.02 10.13 -6.04
N LEU A 319 -19.69 10.12 -6.01
CA LEU A 319 -18.90 9.76 -4.80
C LEU A 319 -19.17 10.79 -3.70
N ASP A 320 -19.20 12.07 -4.07
CA ASP A 320 -19.41 13.21 -3.13
C ASP A 320 -20.88 13.21 -2.65
N SER A 321 -21.84 12.74 -3.44
CA SER A 321 -23.28 12.77 -3.06
C SER A 321 -23.71 11.44 -2.42
N ASP A 322 -24.03 10.38 -3.16
CA ASP A 322 -24.41 9.09 -2.52
C ASP A 322 -23.16 8.31 -2.13
N ALA A 323 -22.76 8.41 -0.86
CA ALA A 323 -21.74 7.53 -0.23
C ALA A 323 -20.33 7.85 -0.74
N THR B 7 -1.65 -6.48 10.89
CA THR B 7 -2.04 -6.76 12.30
C THR B 7 -0.75 -6.93 13.14
N SER B 8 -0.76 -7.95 14.02
CA SER B 8 0.28 -8.21 15.05
C SER B 8 1.28 -9.20 14.45
N CYS B 9 1.25 -10.44 14.95
CA CYS B 9 2.14 -11.57 14.56
C CYS B 9 2.47 -11.44 13.07
N ASN B 10 1.60 -11.95 12.20
CA ASN B 10 2.05 -12.62 10.96
C ASN B 10 2.25 -11.62 9.83
N PRO B 11 3.52 -11.44 9.36
CA PRO B 11 3.85 -10.68 8.15
C PRO B 11 3.06 -10.95 6.85
N SER B 12 2.86 -12.23 6.47
CA SER B 12 2.14 -12.62 5.23
C SER B 12 0.64 -12.31 5.39
N ASP B 13 0.21 -11.93 6.59
CA ASP B 13 -1.17 -11.43 6.88
C ASP B 13 -1.28 -9.93 6.70
N MET B 14 -0.28 -9.28 6.11
CA MET B 14 -0.35 -7.81 5.96
C MET B 14 -0.17 -7.35 4.52
N SER B 15 -0.75 -6.18 4.21
CA SER B 15 -0.49 -5.43 2.97
C SER B 15 0.94 -4.92 3.05
N HIS B 16 1.74 -5.22 2.02
CA HIS B 16 3.11 -4.72 1.84
C HIS B 16 3.12 -3.69 0.70
N GLY B 17 3.68 -2.51 0.96
CA GLY B 17 3.79 -1.41 0.01
C GLY B 17 5.25 -1.07 -0.24
N TYR B 18 5.55 -0.56 -1.45
CA TYR B 18 6.90 -0.26 -1.97
C TYR B 18 6.80 0.99 -2.80
N VAL B 19 7.59 2.00 -2.45
CA VAL B 19 7.65 3.33 -3.08
C VAL B 19 9.12 3.62 -3.38
N THR B 20 9.43 3.75 -4.67
CA THR B 20 10.74 4.19 -5.22
C THR B 20 10.85 5.70 -5.00
N VAL B 21 11.78 6.16 -4.16
CA VAL B 21 11.88 7.62 -3.80
C VAL B 21 13.03 8.25 -4.62
N LYS B 22 13.91 7.41 -5.15
CA LYS B 22 14.92 7.82 -6.15
C LYS B 22 15.44 6.55 -6.81
N PRO B 23 16.25 6.64 -7.88
CA PRO B 23 16.58 5.46 -8.69
C PRO B 23 17.08 4.24 -7.91
N ARG B 24 17.96 4.42 -6.92
CA ARG B 24 18.60 3.28 -6.19
C ARG B 24 17.86 2.96 -4.88
N VAL B 25 16.77 3.66 -4.56
CA VAL B 25 16.16 3.64 -3.20
C VAL B 25 14.66 3.45 -3.29
N ARG B 26 14.17 2.30 -2.84
CA ARG B 26 12.70 2.12 -2.59
C ARG B 26 12.46 1.75 -1.13
N LEU B 27 11.44 2.39 -0.57
CA LEU B 27 11.04 2.18 0.84
C LEU B 27 9.86 1.20 0.89
N HIS B 28 9.98 0.22 1.77
CA HIS B 28 8.94 -0.78 2.10
C HIS B 28 8.21 -0.34 3.36
N PHE B 29 6.92 -0.60 3.40
CA PHE B 29 6.08 -0.34 4.58
C PHE B 29 4.99 -1.41 4.62
N VAL B 30 4.46 -1.59 5.81
CA VAL B 30 3.27 -2.42 6.07
C VAL B 30 2.13 -1.44 6.28
N GLU B 31 0.93 -1.80 5.80
CA GLU B 31 -0.20 -0.85 5.80
C GLU B 31 -1.43 -1.54 6.37
N LEU B 32 -2.07 -0.92 7.36
CA LEU B 32 -3.31 -1.46 8.01
C LEU B 32 -4.24 -0.32 8.46
N GLY B 33 -5.51 -0.40 8.10
CA GLY B 33 -6.56 0.50 8.60
C GLY B 33 -6.95 1.59 7.61
N SER B 34 -8.10 2.22 7.87
CA SER B 34 -8.64 3.39 7.16
C SER B 34 -8.58 4.58 8.13
N GLY B 35 -8.53 5.78 7.57
CA GLY B 35 -8.63 7.05 8.30
C GLY B 35 -7.39 7.88 8.08
N PRO B 36 -7.10 8.84 8.97
CA PRO B 36 -5.89 9.66 8.88
C PRO B 36 -4.64 8.78 8.84
N ALA B 37 -3.71 9.11 7.96
CA ALA B 37 -2.42 8.42 7.75
C ALA B 37 -1.52 8.66 8.96
N VAL B 38 -1.07 7.58 9.60
CA VAL B 38 -0.07 7.64 10.70
C VAL B 38 1.14 6.82 10.27
N CYS B 39 2.29 7.49 10.20
CA CYS B 39 3.52 6.92 9.66
C CYS B 39 4.45 6.63 10.84
N LEU B 40 4.73 5.36 11.10
CA LEU B 40 5.53 4.90 12.25
C LEU B 40 6.95 4.62 11.77
N CYS B 41 7.93 5.22 12.45
CA CYS B 41 9.35 5.20 12.07
C CYS B 41 10.18 4.61 13.22
N HIS B 42 10.66 3.39 13.04
CA HIS B 42 11.41 2.62 14.06
C HIS B 42 12.82 3.19 14.30
N GLY B 43 13.49 2.66 15.32
CA GLY B 43 14.85 3.08 15.68
C GLY B 43 15.89 2.03 15.27
N PHE B 44 17.07 2.14 15.91
CA PHE B 44 18.24 1.27 15.71
C PHE B 44 18.29 0.17 16.77
N PRO B 45 18.58 -1.11 16.42
CA PRO B 45 18.48 -1.64 15.07
C PRO B 45 17.20 -2.49 14.94
N GLU B 46 16.17 -1.92 14.32
CA GLU B 46 14.79 -2.45 14.48
C GLU B 46 14.19 -2.68 13.10
N SER B 47 12.89 -2.49 12.95
CA SER B 47 12.05 -3.01 11.85
C SER B 47 10.66 -2.39 11.95
N TRP B 48 9.88 -2.44 10.87
CA TRP B 48 8.45 -2.10 10.98
C TRP B 48 7.88 -2.94 12.14
N TYR B 49 8.45 -4.13 12.29
CA TYR B 49 7.93 -5.18 13.21
C TYR B 49 7.97 -4.72 14.68
N SER B 50 8.83 -3.78 15.04
CA SER B 50 8.89 -3.19 16.41
C SER B 50 7.54 -2.53 16.75
N TRP B 51 6.74 -2.20 15.75
CA TRP B 51 5.42 -1.57 15.97
C TRP B 51 4.30 -2.63 15.99
N ARG B 52 4.66 -3.91 16.01
CA ARG B 52 3.68 -5.04 15.91
C ARG B 52 2.52 -4.88 16.90
N TYR B 53 2.71 -4.29 18.08
CA TYR B 53 1.58 -4.12 19.05
C TYR B 53 0.76 -2.87 18.77
N GLN B 54 1.38 -1.85 18.21
CA GLN B 54 0.70 -0.56 17.91
C GLN B 54 -0.11 -0.66 16.61
N ILE B 55 0.33 -1.44 15.60
CA ILE B 55 -0.28 -1.45 14.25
C ILE B 55 -1.77 -1.80 14.33
N PRO B 56 -2.18 -2.94 14.94
CA PRO B 56 -3.60 -3.30 15.01
C PRO B 56 -4.37 -2.37 15.95
N ALA B 57 -3.76 -1.89 17.04
CA ALA B 57 -4.43 -1.00 18.00
C ALA B 57 -4.77 0.33 17.31
N LEU B 58 -3.82 0.95 16.63
CA LEU B 58 -4.08 2.28 16.00
C LEU B 58 -5.11 2.10 14.89
N ALA B 59 -5.04 0.99 14.16
CA ALA B 59 -5.98 0.72 13.04
C ALA B 59 -7.39 0.59 13.60
N GLN B 60 -7.53 -0.14 14.72
CA GLN B 60 -8.84 -0.36 15.37
C GLN B 60 -9.35 0.97 15.91
N ALA B 61 -8.49 1.93 16.28
CA ALA B 61 -8.86 3.25 16.81
C ALA B 61 -9.29 4.23 15.70
N GLY B 62 -9.29 3.80 14.43
CA GLY B 62 -9.70 4.62 13.26
C GLY B 62 -8.54 5.27 12.52
N TYR B 63 -7.35 4.65 12.46
CA TYR B 63 -6.21 5.23 11.70
C TYR B 63 -5.70 4.28 10.61
N ARG B 64 -5.18 4.90 9.56
CA ARG B 64 -4.46 4.20 8.46
C ARG B 64 -2.99 4.18 8.84
N VAL B 65 -2.49 3.02 9.26
CA VAL B 65 -1.09 2.89 9.73
C VAL B 65 -0.18 2.51 8.57
N LEU B 66 0.91 3.26 8.42
CA LEU B 66 2.06 2.95 7.53
C LEU B 66 3.26 2.78 8.45
N ALA B 67 3.63 1.52 8.65
CA ALA B 67 4.81 1.15 9.45
C ALA B 67 5.93 0.90 8.47
N MET B 68 6.94 1.80 8.49
CA MET B 68 8.10 1.84 7.58
C MET B 68 9.12 0.76 7.97
N ASP B 69 9.72 0.10 6.99
CA ASP B 69 11.15 -0.25 7.08
C ASP B 69 11.90 1.02 6.72
N MET B 70 12.67 1.57 7.66
CA MET B 70 13.43 2.82 7.41
C MET B 70 14.58 2.48 6.46
N LYS B 71 15.19 3.48 5.83
CA LYS B 71 16.28 3.24 4.85
C LYS B 71 17.38 2.45 5.58
N GLY B 72 17.90 1.36 5.00
CA GLY B 72 18.95 0.51 5.60
C GLY B 72 18.42 -0.78 6.21
N TYR B 73 17.09 -0.97 6.19
CA TYR B 73 16.44 -2.05 6.97
C TYR B 73 15.43 -2.85 6.15
N GLY B 74 15.41 -4.14 6.48
CA GLY B 74 14.37 -5.07 6.04
C GLY B 74 14.33 -5.13 4.54
N GLU B 75 13.20 -4.73 3.94
CA GLU B 75 12.96 -4.86 2.49
C GLU B 75 13.23 -3.51 1.83
N SER B 76 13.52 -2.47 2.60
CA SER B 76 13.89 -1.15 2.06
C SER B 76 15.31 -1.26 1.49
N SER B 77 15.65 -0.40 0.54
CA SER B 77 17.01 -0.21 0.00
C SER B 77 17.96 0.07 1.17
N ALA B 78 19.17 -0.52 1.14
CA ALA B 78 20.24 -0.34 2.15
C ALA B 78 21.54 -0.01 1.43
N PRO B 79 21.70 1.19 0.81
CA PRO B 79 22.92 1.49 0.06
C PRO B 79 24.09 1.59 1.04
N PRO B 80 25.34 1.31 0.63
CA PRO B 80 26.44 1.20 1.60
C PRO B 80 27.04 2.54 2.07
N GLU B 81 26.80 3.63 1.33
CA GLU B 81 27.45 4.94 1.56
C GLU B 81 26.87 5.60 2.82
N ILE B 82 27.72 6.19 3.66
CA ILE B 82 27.34 6.84 4.96
C ILE B 82 26.42 8.04 4.69
N GLU B 83 26.74 8.82 3.66
CA GLU B 83 26.10 10.12 3.35
C GLU B 83 24.63 9.90 2.94
N GLU B 84 24.27 8.67 2.54
CA GLU B 84 22.87 8.28 2.19
C GLU B 84 21.99 8.22 3.45
N TYR B 85 22.58 8.33 4.65
CA TYR B 85 21.85 8.17 5.92
C TYR B 85 21.97 9.42 6.81
N CYS B 86 22.37 10.56 6.27
CA CYS B 86 22.26 11.83 7.03
C CYS B 86 20.79 12.20 7.08
N MET B 87 20.40 12.99 8.05
CA MET B 87 18.96 13.29 8.29
C MET B 87 18.37 13.99 7.08
N GLU B 88 19.19 14.77 6.36
CA GLU B 88 18.67 15.65 5.30
C GLU B 88 18.18 14.78 4.13
N VAL B 89 18.99 13.82 3.72
CA VAL B 89 18.65 12.81 2.67
C VAL B 89 17.45 11.97 3.13
N LEU B 90 17.43 11.53 4.40
CA LEU B 90 16.38 10.62 4.92
C LEU B 90 15.01 11.35 4.93
N CYS B 91 14.97 12.60 5.42
CA CYS B 91 13.74 13.45 5.44
C CYS B 91 13.24 13.75 4.02
N LYS B 92 14.14 14.18 3.12
CA LYS B 92 13.75 14.48 1.71
C LYS B 92 13.10 13.24 1.11
N GLU B 93 13.68 12.05 1.34
CA GLU B 93 13.11 10.78 0.83
C GLU B 93 11.70 10.55 1.42
N MET B 94 11.47 10.86 2.70
CA MET B 94 10.15 10.64 3.36
C MET B 94 9.10 11.59 2.76
N VAL B 95 9.53 12.78 2.30
CA VAL B 95 8.64 13.73 1.58
C VAL B 95 8.24 13.13 0.23
N THR B 96 9.21 12.63 -0.51
CA THR B 96 8.97 11.96 -1.82
C THR B 96 8.01 10.78 -1.59
N PHE B 97 8.15 10.10 -0.46
CA PHE B 97 7.33 8.95 -0.07
C PHE B 97 5.89 9.41 0.06
N LEU B 98 5.65 10.47 0.85
CA LEU B 98 4.31 11.10 0.92
C LEU B 98 3.86 11.53 -0.48
N ASP B 99 4.74 12.12 -1.30
CA ASP B 99 4.28 12.71 -2.58
C ASP B 99 3.70 11.59 -3.46
N LYS B 100 4.46 10.50 -3.60
CA LYS B 100 4.12 9.36 -4.49
C LYS B 100 2.92 8.55 -3.94
N LEU B 101 2.58 8.68 -2.65
CA LEU B 101 1.40 8.01 -2.05
C LEU B 101 0.21 8.96 -2.14
N GLY B 102 0.43 10.19 -2.58
CA GLY B 102 -0.64 11.19 -2.69
C GLY B 102 -1.13 11.62 -1.32
N LEU B 103 -0.24 11.69 -0.33
CA LEU B 103 -0.61 12.18 1.02
C LEU B 103 -0.12 13.62 1.18
N SER B 104 -1.02 14.58 1.35
CA SER B 104 -0.64 16.00 1.54
C SER B 104 0.07 16.11 2.89
N GLN B 105 -0.43 15.43 3.92
CA GLN B 105 0.21 15.32 5.26
C GLN B 105 0.15 13.89 5.79
N ALA B 106 0.96 13.57 6.80
CA ALA B 106 0.74 12.43 7.72
C ALA B 106 1.11 12.86 9.14
N VAL B 107 0.50 12.20 10.14
CA VAL B 107 1.03 12.17 11.54
C VAL B 107 2.28 11.30 11.48
N PHE B 108 3.41 11.78 12.05
CA PHE B 108 4.67 11.01 12.15
C PHE B 108 4.91 10.66 13.61
N ILE B 109 5.18 9.39 13.87
CA ILE B 109 5.47 8.87 15.23
C ILE B 109 6.79 8.13 15.13
N GLY B 110 7.81 8.59 15.85
CA GLY B 110 9.13 7.97 15.78
C GLY B 110 9.61 7.52 17.15
N HIS B 111 10.55 6.57 17.16
CA HIS B 111 11.25 6.06 18.35
C HIS B 111 12.74 6.03 18.05
N ASP B 112 13.55 6.54 18.96
CA ASP B 112 15.04 6.45 18.84
C ASP B 112 15.45 7.20 17.57
N TRP B 113 16.20 6.59 16.65
CA TRP B 113 16.65 7.30 15.41
C TRP B 113 15.44 7.76 14.61
N GLY B 114 14.38 6.94 14.61
CA GLY B 114 13.09 7.28 14.03
C GLY B 114 12.50 8.52 14.68
N GLY B 115 12.67 8.65 16.00
CA GLY B 115 12.17 9.83 16.72
C GLY B 115 12.90 11.07 16.23
N MET B 116 14.21 10.92 16.00
CA MET B 116 15.11 11.99 15.50
C MET B 116 14.56 12.46 14.15
N LEU B 117 14.38 11.52 13.22
CA LEU B 117 13.81 11.74 11.86
C LEU B 117 12.52 12.55 11.98
N VAL B 118 11.62 12.24 12.91
CA VAL B 118 10.27 12.89 12.90
C VAL B 118 10.37 14.30 13.49
N TRP B 119 11.27 14.53 14.44
CA TRP B 119 11.50 15.94 14.88
C TRP B 119 12.01 16.81 13.72
N TYR B 120 12.96 16.31 12.93
CA TYR B 120 13.52 17.00 11.74
C TYR B 120 12.46 17.21 10.64
N MET B 121 11.57 16.24 10.41
CA MET B 121 10.43 16.40 9.47
C MET B 121 9.55 17.56 9.97
N ALA B 122 9.26 17.54 11.26
CA ALA B 122 8.38 18.51 11.93
C ALA B 122 9.02 19.90 11.80
N LEU B 123 10.35 19.96 11.80
CA LEU B 123 11.12 21.21 11.78
C LEU B 123 11.13 21.81 10.35
N PHE B 124 11.61 21.02 9.39
CA PHE B 124 11.87 21.41 7.98
C PHE B 124 10.70 21.13 7.03
N TYR B 125 9.70 20.31 7.41
CA TYR B 125 8.58 19.91 6.53
C TYR B 125 7.26 19.89 7.30
N PRO B 126 7.01 20.94 8.13
CA PRO B 126 5.80 21.00 8.95
C PRO B 126 4.51 21.02 8.13
N GLU B 127 4.54 21.60 6.92
CA GLU B 127 3.35 21.58 6.03
C GLU B 127 2.95 20.11 5.71
N ARG B 128 3.90 19.18 5.68
CA ARG B 128 3.67 17.76 5.38
C ARG B 128 3.43 16.94 6.66
N VAL B 129 3.63 17.51 7.84
CA VAL B 129 3.49 16.78 9.14
C VAL B 129 2.26 17.29 9.88
N ARG B 130 1.19 16.48 9.91
CA ARG B 130 -0.10 16.79 10.57
C ARG B 130 0.18 17.00 12.06
N ALA B 131 0.95 16.08 12.66
CA ALA B 131 1.39 16.08 14.07
C ALA B 131 2.58 15.13 14.21
N VAL B 132 3.35 15.33 15.27
CA VAL B 132 4.62 14.59 15.52
C VAL B 132 4.64 14.10 16.98
N ALA B 133 5.01 12.83 17.16
CA ALA B 133 5.17 12.19 18.47
C ALA B 133 6.49 11.43 18.45
N SER B 134 7.32 11.61 19.47
CA SER B 134 8.58 10.88 19.69
C SER B 134 8.45 10.01 20.95
N LEU B 135 8.91 8.77 20.84
CA LEU B 135 9.18 7.91 22.03
C LEU B 135 10.66 8.03 22.34
N ASN B 136 10.99 8.46 23.55
CA ASN B 136 12.34 8.44 24.15
C ASN B 136 13.17 9.61 23.62
N THR B 137 13.10 9.90 22.32
CA THR B 137 14.10 10.80 21.66
C THR B 137 13.60 12.23 21.83
N PRO B 138 14.38 13.13 22.49
CA PRO B 138 13.95 14.52 22.65
C PRO B 138 14.28 15.36 21.41
N PHE B 139 13.58 16.48 21.24
CA PHE B 139 13.99 17.56 20.31
C PHE B 139 14.77 18.59 21.12
N ILE B 140 16.06 18.67 20.85
CA ILE B 140 17.01 19.68 21.41
C ILE B 140 17.51 20.51 20.23
N PRO B 141 17.18 21.82 20.16
CA PRO B 141 17.66 22.70 19.08
C PRO B 141 19.19 22.85 19.03
N ALA B 142 19.80 22.87 17.84
CA ALA B 142 21.27 22.78 17.62
C ALA B 142 22.00 23.92 18.35
N ASN B 143 23.06 23.59 19.08
CA ASN B 143 23.97 24.58 19.73
C ASN B 143 25.04 24.98 18.72
N PRO B 144 25.11 26.25 18.26
CA PRO B 144 26.13 26.65 17.29
C PRO B 144 27.59 26.63 17.80
N ASN B 145 27.82 26.36 19.11
CA ASN B 145 29.11 26.57 19.82
C ASN B 145 29.84 25.25 20.11
N MET B 146 29.12 24.20 20.51
CA MET B 146 29.69 22.84 20.74
C MET B 146 29.28 21.90 19.59
N SER B 147 30.09 20.86 19.34
CA SER B 147 29.88 19.85 18.27
C SER B 147 29.14 18.66 18.86
N PRO B 148 28.64 17.72 18.04
CA PRO B 148 28.25 16.40 18.53
C PRO B 148 29.40 15.69 19.26
N LEU B 149 30.61 15.75 18.69
CA LEU B 149 31.80 15.01 19.19
C LEU B 149 32.05 15.43 20.65
N GLU B 150 31.84 16.70 20.99
CA GLU B 150 32.11 17.25 22.35
C GLU B 150 30.96 16.87 23.29
N SER B 151 29.71 16.97 22.83
CA SER B 151 28.49 16.50 23.55
C SER B 151 28.61 15.02 23.89
N ILE B 152 28.87 14.19 22.87
CA ILE B 152 29.00 12.70 22.96
C ILE B 152 30.04 12.37 24.05
N LYS B 153 31.29 12.80 23.83
CA LYS B 153 32.43 12.56 24.74
C LYS B 153 32.01 12.89 26.17
N ALA B 154 31.38 14.04 26.38
CA ALA B 154 30.89 14.53 27.70
C ALA B 154 30.06 13.42 28.39
N ASN B 155 29.12 12.77 27.69
CA ASN B 155 28.20 11.76 28.26
C ASN B 155 28.79 10.36 28.12
N PRO B 156 29.20 9.71 29.23
CA PRO B 156 29.88 8.42 29.13
C PRO B 156 28.96 7.32 28.58
N VAL B 157 27.65 7.47 28.81
CA VAL B 157 26.61 6.47 28.41
C VAL B 157 26.43 6.47 26.88
N PHE B 158 27.02 7.44 26.16
CA PHE B 158 27.09 7.47 24.67
C PHE B 158 28.42 6.90 24.16
N ASP B 159 29.20 6.20 24.99
CA ASP B 159 30.49 5.60 24.53
C ASP B 159 30.20 4.59 23.41
N TYR B 160 29.11 3.83 23.47
CA TYR B 160 28.75 2.86 22.41
C TYR B 160 28.75 3.58 21.05
N GLN B 161 28.35 4.86 21.02
CA GLN B 161 28.23 5.64 19.76
C GLN B 161 29.61 5.80 19.13
N LEU B 162 30.65 5.96 19.94
CA LEU B 162 32.04 6.12 19.43
C LEU B 162 32.45 4.81 18.74
N TYR B 163 32.23 3.67 19.39
CA TYR B 163 32.59 2.33 18.83
C TYR B 163 31.89 2.13 17.49
N PHE B 164 30.73 2.77 17.30
CA PHE B 164 29.90 2.63 16.06
C PHE B 164 30.49 3.42 14.87
N GLN B 165 31.41 4.38 15.07
CA GLN B 165 31.82 5.31 14.00
C GLN B 165 32.70 4.63 12.93
N GLU B 166 33.57 3.69 13.33
CA GLU B 166 34.56 3.02 12.44
C GLU B 166 33.88 1.99 11.53
N PRO B 167 33.75 2.27 10.21
CA PRO B 167 33.11 1.32 9.31
C PRO B 167 33.77 -0.07 9.41
N GLY B 168 32.97 -1.12 9.61
CA GLY B 168 33.38 -2.53 9.56
C GLY B 168 33.41 -3.16 10.93
N VAL B 169 33.64 -2.38 11.98
CA VAL B 169 33.96 -2.89 13.34
C VAL B 169 32.66 -3.37 14.00
N ALA B 170 31.76 -2.44 14.30
CA ALA B 170 30.46 -2.74 14.96
C ALA B 170 29.67 -3.70 14.06
N GLU B 171 29.87 -3.63 12.74
CA GLU B 171 29.24 -4.58 11.78
C GLU B 171 29.68 -6.00 12.15
N ALA B 172 30.98 -6.28 12.04
CA ALA B 172 31.60 -7.59 12.35
C ALA B 172 31.02 -8.14 13.67
N GLU B 173 31.05 -7.36 14.75
CA GLU B 173 30.57 -7.85 16.07
C GLU B 173 29.05 -8.14 16.01
N LEU B 174 28.27 -7.22 15.44
CA LEU B 174 26.79 -7.27 15.48
C LEU B 174 26.28 -8.39 14.57
N GLU B 175 26.97 -8.64 13.46
CA GLU B 175 26.56 -9.62 12.42
C GLU B 175 27.06 -11.04 12.74
N GLN B 176 28.06 -11.16 13.62
CA GLN B 176 28.72 -12.43 14.04
C GLN B 176 27.64 -13.48 14.38
N ASN B 177 26.71 -13.14 15.28
CA ASN B 177 25.64 -14.08 15.72
C ASN B 177 24.34 -13.28 15.93
N LEU B 178 23.47 -13.28 14.93
CA LEU B 178 22.32 -12.33 14.90
C LEU B 178 21.36 -12.69 16.02
N SER B 179 21.15 -13.97 16.27
CA SER B 179 20.27 -14.40 17.40
C SER B 179 20.85 -13.85 18.71
N ARG B 180 22.17 -13.92 18.87
CA ARG B 180 22.84 -13.41 20.08
C ARG B 180 22.71 -11.88 20.12
N THR B 181 22.91 -11.19 19.00
CA THR B 181 22.79 -9.71 18.94
C THR B 181 21.42 -9.28 19.47
N PHE B 182 20.33 -9.84 18.95
CA PHE B 182 18.97 -9.35 19.26
C PHE B 182 18.59 -9.77 20.67
N LYS B 183 18.99 -10.98 21.06
CA LYS B 183 18.71 -11.48 22.43
C LYS B 183 19.48 -10.62 23.44
N SER B 184 20.61 -10.05 23.05
CA SER B 184 21.44 -9.21 23.97
C SER B 184 20.86 -7.79 24.02
N LEU B 185 20.48 -7.24 22.86
CA LEU B 185 19.91 -5.87 22.74
C LEU B 185 18.52 -5.80 23.37
N PHE B 186 17.59 -6.66 22.96
CA PHE B 186 16.14 -6.52 23.25
C PHE B 186 15.85 -7.13 24.62
N ARG B 187 16.14 -6.38 25.68
CA ARG B 187 15.87 -6.80 27.09
C ARG B 187 15.20 -5.66 27.89
N ALA B 188 14.47 -5.98 28.95
CA ALA B 188 13.98 -4.94 29.89
C ALA B 188 15.20 -4.35 30.61
N SER B 189 15.08 -3.19 31.25
CA SER B 189 16.24 -2.49 31.87
C SER B 189 16.87 -3.38 32.95
N ASP B 190 16.05 -4.00 33.79
CA ASP B 190 16.50 -4.85 34.94
C ASP B 190 17.10 -6.16 34.46
N GLU B 191 17.08 -6.46 33.15
CA GLU B 191 17.60 -7.74 32.55
C GLU B 191 18.85 -7.44 31.72
N SER B 192 19.34 -6.21 31.76
CA SER B 192 20.43 -5.78 30.85
C SER B 192 21.66 -6.64 31.10
N VAL B 193 22.34 -7.05 30.04
CA VAL B 193 23.62 -7.82 30.08
C VAL B 193 24.72 -6.98 29.41
N LEU B 194 24.54 -5.65 29.33
CA LEU B 194 25.41 -4.73 28.54
C LEU B 194 25.84 -3.54 29.39
N SER B 195 27.02 -2.98 29.08
CA SER B 195 27.53 -1.71 29.64
C SER B 195 27.84 -0.77 28.47
N MET B 196 27.10 0.34 28.34
CA MET B 196 27.31 1.38 27.30
C MET B 196 28.31 2.43 27.84
N HIS B 197 29.02 2.10 28.92
CA HIS B 197 29.91 3.00 29.73
C HIS B 197 31.31 3.06 29.11
N LYS B 198 31.99 1.90 29.02
CA LYS B 198 33.23 1.75 28.20
C LYS B 198 33.08 0.47 27.36
N VAL B 199 32.33 0.59 26.26
CA VAL B 199 32.32 -0.35 25.12
C VAL B 199 33.68 -0.25 24.40
N CYS B 200 34.17 0.98 24.27
CA CYS B 200 35.35 1.34 23.44
C CYS B 200 36.62 0.67 23.99
N GLU B 201 36.96 0.95 25.25
CA GLU B 201 38.25 0.47 25.84
C GLU B 201 38.14 -1.03 26.08
N ALA B 202 36.95 -1.50 26.48
CA ALA B 202 36.68 -2.92 26.80
C ALA B 202 36.44 -3.76 25.53
N GLY B 203 36.97 -3.36 24.36
CA GLY B 203 37.03 -4.21 23.14
C GLY B 203 35.84 -3.97 22.20
N GLY B 204 34.65 -4.37 22.61
CA GLY B 204 33.39 -4.22 21.85
C GLY B 204 32.17 -4.40 22.75
N LEU B 205 31.01 -4.64 22.15
CA LEU B 205 29.69 -4.47 22.80
C LEU B 205 29.32 -5.71 23.61
N PHE B 206 29.71 -6.90 23.15
CA PHE B 206 29.30 -8.20 23.73
C PHE B 206 30.48 -9.00 24.32
N VAL B 207 31.67 -8.40 24.45
CA VAL B 207 32.90 -9.18 24.80
C VAL B 207 32.79 -9.72 26.23
N ASN B 208 32.13 -9.00 27.14
CA ASN B 208 31.88 -9.44 28.55
C ASN B 208 30.38 -9.71 28.78
N SER B 209 29.65 -10.27 27.80
CA SER B 209 28.21 -10.63 27.95
C SER B 209 27.94 -12.07 27.49
N PRO B 210 26.89 -12.73 28.03
CA PRO B 210 26.65 -14.13 27.74
C PRO B 210 26.74 -14.50 26.26
N GLU B 211 27.27 -15.70 26.00
CA GLU B 211 27.44 -16.29 24.66
C GLU B 211 26.08 -16.73 24.13
N GLU B 212 25.32 -17.40 25.00
CA GLU B 212 23.95 -17.88 24.76
C GLU B 212 23.06 -17.15 25.74
N PRO B 213 22.74 -15.86 25.51
CA PRO B 213 21.91 -15.10 26.42
C PRO B 213 20.53 -15.75 26.52
N SER B 214 19.90 -15.60 27.68
CA SER B 214 18.49 -16.01 27.88
C SER B 214 17.58 -15.11 27.04
N LEU B 215 16.32 -15.54 26.90
CA LEU B 215 15.24 -14.79 26.23
C LEU B 215 14.70 -13.74 27.20
N SER B 216 14.65 -12.47 26.81
CA SER B 216 13.99 -11.42 27.64
C SER B 216 12.53 -11.81 27.86
N ARG B 217 11.99 -11.44 29.02
CA ARG B 217 10.53 -11.55 29.35
C ARG B 217 9.73 -10.79 28.28
N MET B 218 10.35 -9.84 27.56
CA MET B 218 9.70 -8.99 26.52
C MET B 218 9.43 -9.77 25.23
N VAL B 219 10.25 -10.77 24.90
CA VAL B 219 10.28 -11.34 23.52
C VAL B 219 10.17 -12.86 23.58
N THR B 220 9.60 -13.43 22.51
CA THR B 220 9.58 -14.88 22.25
C THR B 220 10.73 -15.16 21.30
N GLU B 221 11.09 -16.45 21.20
CA GLU B 221 12.11 -16.97 20.26
C GLU B 221 11.68 -16.58 18.85
N GLU B 222 10.38 -16.67 18.54
CA GLU B 222 9.85 -16.48 17.16
C GLU B 222 10.07 -15.00 16.78
N GLU B 223 9.75 -14.08 17.68
CA GLU B 223 9.92 -12.61 17.47
C GLU B 223 11.39 -12.33 17.13
N ILE B 224 12.31 -12.86 17.93
CA ILE B 224 13.78 -12.71 17.71
C ILE B 224 14.14 -13.25 16.32
N GLN B 225 13.63 -14.44 15.96
CA GLN B 225 13.95 -15.10 14.66
C GLN B 225 13.48 -14.19 13.54
N PHE B 226 12.38 -13.44 13.76
CA PHE B 226 11.87 -12.49 12.74
C PHE B 226 12.96 -11.43 12.47
N TYR B 227 13.49 -10.79 13.51
CA TYR B 227 14.54 -9.74 13.36
C TYR B 227 15.80 -10.35 12.73
N VAL B 228 16.23 -11.55 13.16
CA VAL B 228 17.38 -12.29 12.58
C VAL B 228 17.21 -12.43 11.06
N GLN B 229 16.07 -13.00 10.62
CA GLN B 229 15.76 -13.21 9.17
C GLN B 229 15.81 -11.87 8.43
N GLN B 230 15.21 -10.81 8.95
CA GLN B 230 15.20 -9.47 8.27
C GLN B 230 16.63 -8.96 8.02
N PHE B 231 17.55 -9.23 8.95
CA PHE B 231 18.89 -8.59 9.03
C PHE B 231 19.90 -9.40 8.22
N LYS B 232 19.57 -10.64 7.87
CA LYS B 232 20.37 -11.51 6.95
C LYS B 232 20.48 -10.82 5.60
N LYS B 233 19.48 -10.07 5.16
CA LYS B 233 19.49 -9.50 3.78
C LYS B 233 20.65 -8.50 3.65
N SER B 234 20.69 -7.43 4.46
CA SER B 234 21.62 -6.28 4.32
C SER B 234 22.55 -6.13 5.53
N GLY B 235 22.41 -6.90 6.60
CA GLY B 235 23.19 -6.72 7.84
C GLY B 235 23.10 -5.31 8.42
N PHE B 236 24.11 -4.90 9.20
CA PHE B 236 24.10 -3.70 10.05
C PHE B 236 24.76 -2.47 9.42
N ARG B 237 25.32 -2.54 8.21
CA ARG B 237 26.06 -1.37 7.63
C ARG B 237 25.14 -0.15 7.52
N GLY B 238 24.02 -0.22 6.79
CA GLY B 238 23.10 0.92 6.66
C GLY B 238 22.54 1.39 8.01
N PRO B 239 22.04 0.48 8.89
CA PRO B 239 21.58 0.87 10.22
C PRO B 239 22.64 1.65 11.01
N LEU B 240 23.89 1.19 10.95
CA LEU B 240 25.03 1.83 11.65
C LEU B 240 25.35 3.17 10.97
N ASN B 241 25.12 3.33 9.67
CA ASN B 241 25.40 4.61 8.97
C ASN B 241 24.53 5.72 9.56
N TRP B 242 23.40 5.39 10.19
CA TRP B 242 22.52 6.40 10.86
C TRP B 242 23.33 7.18 11.91
N TYR B 243 24.33 6.50 12.48
CA TYR B 243 25.17 6.92 13.63
C TYR B 243 26.41 7.70 13.16
N ARG B 244 26.65 7.81 11.86
CA ARG B 244 27.94 8.26 11.29
C ARG B 244 27.75 9.54 10.47
N ASN B 245 26.80 10.42 10.87
CA ASN B 245 26.44 11.67 10.16
C ASN B 245 26.19 12.80 11.17
N MET B 246 26.85 12.72 12.32
CA MET B 246 26.65 13.71 13.41
C MET B 246 26.90 15.15 12.97
N GLU B 247 27.93 15.42 12.19
CA GLU B 247 28.32 16.82 11.86
C GLU B 247 27.39 17.34 10.75
N ARG B 248 27.19 16.56 9.69
CA ARG B 248 26.19 16.88 8.63
C ARG B 248 24.84 17.16 9.30
N ASN B 249 24.42 16.34 10.25
CA ASN B 249 23.10 16.47 10.91
C ASN B 249 23.05 17.77 11.70
N TRP B 250 24.14 18.08 12.40
CA TRP B 250 24.29 19.29 13.25
C TRP B 250 24.19 20.54 12.36
N LYS B 251 24.97 20.57 11.27
CA LYS B 251 24.98 21.70 10.31
C LYS B 251 23.57 21.90 9.76
N TRP B 252 22.94 20.82 9.27
CA TRP B 252 21.56 20.88 8.73
C TRP B 252 20.67 21.50 9.82
N ALA B 253 20.78 21.04 11.07
CA ALA B 253 19.84 21.46 12.14
C ALA B 253 20.02 22.97 12.40
N CYS B 254 21.27 23.45 12.45
CA CYS B 254 21.65 24.89 12.61
C CYS B 254 20.91 25.75 11.56
N LYS B 255 20.90 25.32 10.29
CA LYS B 255 20.18 26.01 9.17
C LYS B 255 18.70 26.26 9.51
N SER B 256 18.17 25.75 10.62
CA SER B 256 16.79 26.08 11.06
C SER B 256 16.76 27.55 11.47
N LEU B 257 17.84 28.01 12.13
CA LEU B 257 18.01 29.39 12.69
C LEU B 257 16.90 29.66 13.73
N GLY B 258 16.71 28.72 14.66
CA GLY B 258 15.79 28.83 15.81
C GLY B 258 14.34 29.11 15.45
N ARG B 259 13.85 28.71 14.26
CA ARG B 259 12.39 28.67 13.98
C ARG B 259 11.78 27.70 14.99
N LYS B 260 10.47 27.79 15.24
CA LYS B 260 9.80 26.91 16.20
C LYS B 260 9.05 25.80 15.44
N ILE B 261 8.74 24.69 16.14
CA ILE B 261 7.81 23.62 15.66
C ILE B 261 6.43 24.03 16.17
N LEU B 262 5.56 24.47 15.28
CA LEU B 262 4.26 25.11 15.65
C LEU B 262 3.12 24.07 15.57
N ILE B 263 3.38 22.90 15.03
CA ILE B 263 2.36 21.82 14.85
C ILE B 263 2.20 21.06 16.17
N PRO B 264 1.05 20.37 16.38
CA PRO B 264 0.83 19.56 17.59
C PRO B 264 1.92 18.49 17.73
N ALA B 265 2.30 18.21 18.97
CA ALA B 265 3.51 17.44 19.32
C ALA B 265 3.29 16.72 20.65
N LEU B 266 3.87 15.53 20.77
CA LEU B 266 3.79 14.59 21.91
C LEU B 266 5.21 14.09 22.17
N MET B 267 5.67 14.18 23.41
CA MET B 267 6.96 13.61 23.85
C MET B 267 6.64 12.54 24.88
N VAL B 268 7.08 11.31 24.65
CA VAL B 268 6.84 10.18 25.58
C VAL B 268 8.20 9.80 26.13
N THR B 269 8.34 9.80 27.45
CA THR B 269 9.62 9.46 28.12
C THR B 269 9.49 8.07 28.72
N ALA B 270 10.60 7.34 28.81
CA ALA B 270 10.71 5.99 29.44
C ALA B 270 11.63 6.09 30.66
N GLU B 271 11.08 5.87 31.85
CA GLU B 271 11.77 5.99 33.17
C GLU B 271 13.10 5.25 33.13
N LYS B 272 13.14 4.01 32.63
CA LYS B 272 14.36 3.16 32.65
C LYS B 272 15.14 3.18 31.33
N ASP B 273 14.88 4.09 30.39
CA ASP B 273 15.81 4.29 29.24
C ASP B 273 17.03 5.02 29.81
N PHE B 274 18.16 4.32 29.96
CA PHE B 274 19.38 4.88 30.61
C PHE B 274 20.26 5.61 29.58
N VAL B 275 19.91 5.67 28.29
CA VAL B 275 20.69 6.56 27.37
C VAL B 275 19.82 7.73 26.93
N LEU B 276 18.57 7.48 26.54
CA LEU B 276 17.60 8.56 26.24
C LEU B 276 16.78 8.82 27.52
N VAL B 277 17.45 9.42 28.50
CA VAL B 277 16.89 9.68 29.86
C VAL B 277 15.74 10.67 29.72
N PRO B 278 14.64 10.53 30.49
CA PRO B 278 13.55 11.52 30.48
C PRO B 278 14.02 12.97 30.67
N GLN B 279 15.01 13.15 31.55
CA GLN B 279 15.59 14.47 31.89
C GLN B 279 15.99 15.22 30.61
N MET B 280 16.52 14.53 29.60
CA MET B 280 17.03 15.18 28.37
C MET B 280 15.91 15.94 27.64
N SER B 281 14.64 15.73 27.99
CA SER B 281 13.49 16.39 27.32
C SER B 281 13.02 17.66 28.05
N GLN B 282 13.67 18.03 29.17
CA GLN B 282 13.01 18.78 30.27
C GLN B 282 12.60 20.20 29.84
N HIS B 283 13.27 20.82 28.86
CA HIS B 283 13.01 22.24 28.43
C HIS B 283 12.48 22.29 27.00
N MET B 284 11.74 21.28 26.55
CA MET B 284 11.29 21.21 25.14
C MET B 284 10.10 22.15 24.90
N GLU B 285 9.41 22.59 25.96
CA GLU B 285 8.28 23.55 25.84
C GLU B 285 8.74 24.85 25.16
N ASP B 286 9.90 25.38 25.59
CA ASP B 286 10.50 26.66 25.12
C ASP B 286 10.49 26.73 23.58
N TRP B 287 10.62 25.59 22.91
CA TRP B 287 10.82 25.49 21.43
C TRP B 287 9.60 24.91 20.71
N ILE B 288 8.66 24.36 21.49
CA ILE B 288 7.44 23.64 21.01
C ILE B 288 6.27 24.11 21.88
N PRO B 289 5.52 25.15 21.42
CA PRO B 289 4.35 25.65 22.14
C PRO B 289 3.26 24.60 22.41
N HIS B 290 2.83 23.88 21.38
CA HIS B 290 1.71 22.90 21.44
C HIS B 290 2.18 21.51 21.91
N LEU B 291 3.21 21.42 22.78
CA LEU B 291 3.79 20.11 23.21
C LEU B 291 2.96 19.49 24.32
N LYS B 292 2.45 18.27 24.11
CA LYS B 292 1.90 17.40 25.17
C LYS B 292 2.93 16.34 25.55
N ARG B 293 2.73 15.68 26.69
CA ARG B 293 3.72 14.75 27.27
C ARG B 293 3.01 13.47 27.66
N GLY B 294 3.75 12.37 27.54
CA GLY B 294 3.41 11.07 28.15
C GLY B 294 4.67 10.57 28.81
N HIS B 295 4.53 9.66 29.75
CA HIS B 295 5.65 9.15 30.57
C HIS B 295 5.32 7.72 30.96
N ILE B 296 6.24 6.78 30.75
CA ILE B 296 5.94 5.35 31.04
C ILE B 296 6.89 4.87 32.13
N GLU B 297 6.32 4.38 33.22
CA GLU B 297 7.09 3.86 34.37
C GLU B 297 7.55 2.44 34.03
N ASP B 298 8.69 2.07 34.56
CA ASP B 298 9.24 0.70 34.45
C ASP B 298 9.41 0.34 32.96
N CYS B 299 9.84 1.30 32.13
CA CYS B 299 9.95 1.16 30.66
C CYS B 299 11.39 1.47 30.23
N GLY B 300 12.05 0.51 29.61
CA GLY B 300 13.42 0.72 29.10
C GLY B 300 13.44 1.40 27.73
N HIS B 301 14.51 1.16 26.98
CA HIS B 301 14.73 1.74 25.64
C HIS B 301 13.67 1.22 24.65
N TRP B 302 13.32 -0.06 24.70
CA TRP B 302 12.53 -0.74 23.63
C TRP B 302 11.06 -0.55 23.92
N THR B 303 10.65 0.69 24.00
CA THR B 303 9.39 1.16 24.64
C THR B 303 8.18 0.38 24.12
N GLN B 304 8.05 0.18 22.79
CA GLN B 304 6.85 -0.41 22.12
C GLN B 304 6.66 -1.87 22.56
N MET B 305 7.79 -2.55 22.74
CA MET B 305 7.96 -3.96 23.15
C MET B 305 7.73 -4.09 24.65
N ASP B 306 8.31 -3.15 25.42
CA ASP B 306 8.37 -3.18 26.90
C ASP B 306 6.96 -2.88 27.44
N LYS B 307 6.34 -1.78 27.01
CA LYS B 307 5.02 -1.32 27.52
C LYS B 307 4.05 -1.06 26.37
N PRO B 308 3.70 -2.09 25.58
CA PRO B 308 2.79 -1.91 24.45
C PRO B 308 1.44 -1.27 24.82
N THR B 309 0.83 -1.78 25.90
CA THR B 309 -0.49 -1.34 26.41
C THR B 309 -0.42 0.15 26.70
N GLU B 310 0.62 0.57 27.41
CA GLU B 310 0.73 1.99 27.88
C GLU B 310 0.98 2.86 26.66
N VAL B 311 1.82 2.41 25.72
CA VAL B 311 2.13 3.17 24.46
C VAL B 311 0.84 3.35 23.68
N ASN B 312 0.06 2.25 23.54
CA ASN B 312 -1.17 2.23 22.72
C ASN B 312 -2.16 3.26 23.29
N GLN B 313 -2.36 3.28 24.61
CA GLN B 313 -3.31 4.21 25.28
C GLN B 313 -2.82 5.66 25.15
N ILE B 314 -1.52 5.92 25.30
CA ILE B 314 -1.00 7.29 25.19
C ILE B 314 -1.12 7.80 23.74
N LEU B 315 -0.75 6.98 22.75
CA LEU B 315 -0.79 7.39 21.32
C LEU B 315 -2.24 7.56 20.90
N ILE B 316 -3.12 6.61 21.23
CA ILE B 316 -4.54 6.70 20.78
C ILE B 316 -5.19 7.95 21.40
N LYS B 317 -4.97 8.21 22.69
CA LYS B 317 -5.56 9.37 23.42
C LYS B 317 -5.09 10.67 22.76
N TRP B 318 -3.81 10.75 22.44
CA TRP B 318 -3.20 11.97 21.85
C TRP B 318 -3.66 12.14 20.40
N LEU B 319 -3.76 11.03 19.64
CA LEU B 319 -4.18 11.09 18.23
C LEU B 319 -5.63 11.57 18.19
N ASP B 320 -6.45 11.11 19.13
CA ASP B 320 -7.91 11.39 19.13
C ASP B 320 -8.22 12.80 19.64
N SER B 321 -7.27 13.48 20.28
CA SER B 321 -7.41 14.87 20.77
C SER B 321 -6.73 15.87 19.82
N ASP B 322 -5.49 15.61 19.34
CA ASP B 322 -4.63 16.65 18.70
C ASP B 322 -4.34 16.38 17.21
N ALA B 323 -4.98 15.41 16.56
CA ALA B 323 -4.75 15.13 15.12
C ALA B 323 -5.95 14.45 14.45
N ARG B 324 -7.18 14.80 14.88
CA ARG B 324 -8.48 14.45 14.23
C ARG B 324 -8.86 12.98 14.50
N ASN B 325 -10.05 12.74 15.09
CA ASN B 325 -10.76 11.42 15.16
C ASN B 325 -11.71 11.40 16.37
O2 J0U C . -19.87 -16.21 -19.10
C9 J0U C . -18.77 -8.15 -18.72
O1 J0U C . -22.22 -13.04 -21.89
C8 J0U C . -18.76 -9.83 -20.59
C6 J0U C . -20.86 -9.27 -19.48
C7 J0U C . -19.57 -9.08 -19.60
C5 J0U C . -21.61 -10.51 -19.85
C4 J0U C . -22.98 -10.69 -19.17
C3 J0U C . -24.51 -8.86 -18.26
C2 J0U C . -23.88 -9.50 -19.44
C1 J0U C . -24.11 -9.10 -20.68
C10 J0U C . -23.64 -12.00 -19.63
C11 J0U C . -22.68 -13.15 -19.54
C12 J0U C . -21.96 -13.61 -20.66
C13 J0U C . -21.02 -14.62 -20.55
C14 J0U C . -20.77 -15.20 -19.31
C15 J0U C . -19.02 -16.59 -20.18
C16 J0U C . -21.46 -14.76 -18.16
C17 J0U C . -22.37 -13.72 -18.29
O3 J0U C . -23.09 -13.33 -17.21
C18 J0U C . -23.62 -14.50 -16.53
C19 J0U C . -24.66 -14.06 -15.54
C20 J0U C . -26.00 -14.44 -15.71
C21 J0U C . -26.95 -14.04 -14.77
C22 J0U C . -26.58 -13.26 -13.70
O4 J0U C . -27.47 -12.85 -12.76
C23 J0U C . -25.27 -12.87 -13.53
C24 J0U C . -24.31 -13.27 -14.45
O5 J0U C . -23.01 -12.88 -14.29
C25 J0U C . -22.47 -15.31 -15.94
C26 J0U C . -21.25 -15.31 -16.83
O6 J0U C . -20.14 -15.70 -16.43
O2 J0U D . 25.27 11.42 15.90
C9 J0U D . 18.32 8.53 18.85
O1 J0U D . 24.23 11.11 20.56
C8 J0U D . 20.77 8.15 19.36
C6 J0U D . 19.67 10.28 20.01
C7 J0U D . 19.58 9.08 19.45
C5 J0U D . 20.91 11.00 20.41
C4 J0U D . 20.82 12.54 20.32
C3 J0U D . 20.10 12.60 22.78
C2 J0U D . 19.98 13.17 21.40
C1 J0U D . 19.20 14.20 21.15
C10 J0U D . 22.23 13.15 20.34
C11 J0U D . 23.07 12.70 19.19
C12 J0U D . 24.02 11.67 19.34
C13 J0U D . 24.77 11.23 18.26
C14 J0U D . 24.56 11.78 16.99
C15 J0U D . 26.12 10.28 15.95
C16 J0U D . 23.60 12.80 16.81
C17 J0U D . 22.84 13.21 17.90
O3 J0U D . 21.95 14.25 17.76
C18 J0U D . 22.62 15.32 17.01
C19 J0U D . 21.83 16.59 17.12
C20 J0U D . 22.25 17.61 17.97
C21 J0U D . 21.54 18.80 18.07
C22 J0U D . 20.41 18.99 17.30
O4 J0U D . 19.70 20.15 17.37
C23 J0U D . 19.96 18.00 16.44
C24 J0U D . 20.67 16.81 16.35
O5 J0U D . 20.22 15.85 15.49
C25 J0U D . 22.93 14.86 15.59
C26 J0U D . 23.35 13.41 15.52
O6 J0U D . 23.45 12.79 14.44
#